data_7KI5
#
_entry.id   7KI5
#
_cell.length_a   56.681
_cell.length_b   75.354
_cell.length_c   74.411
_cell.angle_alpha   90.000
_cell.angle_beta   91.770
_cell.angle_gamma   90.000
#
_symmetry.space_group_name_H-M   'P 1 21 1'
#
loop_
_entity.id
_entity.type
_entity.pdbx_description
1 polymer 'Capsid protein'
2 branched beta-D-galactopyranose-(1-3)-2-acetamido-2-deoxy-beta-D-glucopyranose-(1-3)-beta-D-galactopyranose-(1-4)-beta-D-glucopyranose
3 non-polymer 'TRIETHYLENE GLYCOL'
4 non-polymer GLYCEROL
5 water water
#
_entity_poly.entity_id   1
_entity_poly.type   'polypeptide(L)'
_entity_poly.pdbx_seq_one_letter_code
;VLDGPYQPTNFKPPNDYWILLNPTNQQVVLEGTNKTDIWVALLLVEPNVTNQSRQYTLFGETKQITVENNTNKWKFFEMF
RSNVSAEFQHKRTLTSDTKLAGFMKFYNSVWTFHGETPHATTDYSSTSNLSEVETVIHVEFYIIPRSQESKCSEYINTGL
;
_entity_poly.pdbx_strand_id   A,B,C,D
#
loop_
_chem_comp.id
_chem_comp.type
_chem_comp.name
_chem_comp.formula
BGC D-saccharide, beta linking beta-D-glucopyranose 'C6 H12 O6'
GAL D-saccharide, beta linking beta-D-galactopyranose 'C6 H12 O6'
GOL non-polymer GLYCEROL 'C3 H8 O3'
NAG D-saccharide, beta linking 2-acetamido-2-deoxy-beta-D-glucopyranose 'C8 H15 N O6'
PGE non-polymer 'TRIETHYLENE GLYCOL' 'C6 H14 O4'
#
# COMPACT_ATOMS: atom_id res chain seq x y z
N LEU A 2 -2.22 9.76 18.78
CA LEU A 2 -1.88 10.49 17.48
C LEU A 2 -0.63 11.35 17.70
N ASP A 3 0.40 11.17 16.87
CA ASP A 3 1.73 11.81 17.04
C ASP A 3 1.74 13.20 16.39
N GLY A 4 1.94 14.24 17.19
CA GLY A 4 1.83 15.65 16.77
C GLY A 4 0.84 16.38 17.66
N PRO A 5 0.43 17.63 17.33
CA PRO A 5 0.82 18.27 16.08
C PRO A 5 2.25 18.78 16.08
N TYR A 6 2.86 18.75 14.93
CA TYR A 6 4.19 19.33 14.66
C TYR A 6 4.02 20.62 13.88
N GLN A 7 4.93 21.56 14.08
CA GLN A 7 4.90 22.87 13.41
C GLN A 7 5.44 22.73 12.01
N PRO A 8 5.06 23.64 11.10
CA PRO A 8 5.67 23.70 9.78
C PRO A 8 7.20 23.64 9.82
N THR A 9 7.78 22.95 8.86
CA THR A 9 9.21 22.58 8.90
C THR A 9 9.69 22.22 7.49
N ASN A 10 10.98 22.09 7.34
CA ASN A 10 11.63 21.55 6.15
C ASN A 10 12.42 20.34 6.62
N PHE A 11 12.02 19.15 6.25
CA PHE A 11 12.74 17.93 6.66
C PHE A 11 12.52 16.80 5.69
N LYS A 12 13.28 15.75 5.89
CA LYS A 12 13.20 14.51 5.14
C LYS A 12 12.30 13.57 5.91
N PRO A 13 11.04 13.35 5.47
CA PRO A 13 10.14 12.52 6.23
C PRO A 13 10.65 11.09 6.23
N PRO A 14 10.47 10.37 7.34
CA PRO A 14 10.88 8.99 7.42
C PRO A 14 10.05 8.12 6.46
N ASN A 15 10.68 7.12 5.90
CA ASN A 15 9.97 6.10 5.13
C ASN A 15 8.90 5.41 5.98
N ASP A 16 7.78 5.07 5.37
CA ASP A 16 6.75 4.16 5.93
C ASP A 16 5.96 4.89 7.03
N TYR A 17 5.86 6.21 6.92
CA TYR A 17 4.97 7.03 7.78
C TYR A 17 4.16 7.97 6.91
N TRP A 18 2.90 8.09 7.24
CA TRP A 18 2.03 9.15 6.70
C TRP A 18 2.32 10.46 7.41
N ILE A 19 2.48 11.51 6.64
CA ILE A 19 2.39 12.90 7.13
C ILE A 19 0.98 13.38 6.88
N LEU A 20 0.24 13.62 7.94
CA LEU A 20 -1.16 14.09 7.87
C LEU A 20 -1.17 15.61 7.99
N LEU A 21 -1.53 16.29 6.93
CA LEU A 21 -1.38 17.76 6.78
C LEU A 21 -2.69 18.46 7.17
N ASN A 22 -2.61 19.48 8.02
CA ASN A 22 -3.78 20.15 8.65
C ASN A 22 -3.73 21.66 8.38
N PRO A 23 -3.95 22.14 7.16
CA PRO A 23 -3.92 23.56 6.88
C PRO A 23 -5.08 24.33 7.49
N THR A 24 -4.90 25.64 7.61
CA THR A 24 -6.00 26.59 7.82
C THR A 24 -6.31 27.26 6.49
N ASN A 25 -5.49 28.21 6.07
CA ASN A 25 -5.70 28.96 4.82
C ASN A 25 -4.41 29.11 4.02
N GLN A 26 -3.43 28.25 4.23
CA GLN A 26 -2.17 28.28 3.47
C GLN A 26 -2.43 27.87 2.02
N GLN A 27 -1.88 28.56 1.06
CA GLN A 27 -2.15 28.26 -0.37
C GLN A 27 -1.24 27.14 -0.85
N VAL A 28 0.01 27.13 -0.42
CA VAL A 28 0.93 26.02 -0.69
C VAL A 28 1.06 25.21 0.58
N VAL A 29 0.64 23.96 0.55
CA VAL A 29 0.59 23.13 1.78
C VAL A 29 1.92 22.39 1.93
N LEU A 30 2.40 21.82 0.84
CA LEU A 30 3.59 20.94 0.87
C LEU A 30 4.33 21.08 -0.45
N GLU A 31 5.66 21.09 -0.41
CA GLU A 31 6.54 21.00 -1.59
C GLU A 31 7.55 19.89 -1.31
N GLY A 32 7.56 18.84 -2.10
CA GLY A 32 8.53 17.76 -1.95
C GLY A 32 9.32 17.53 -3.21
N THR A 33 10.60 17.28 -3.09
CA THR A 33 11.42 16.96 -4.25
C THR A 33 12.66 16.21 -3.81
N ASN A 34 13.20 15.42 -4.72
CA ASN A 34 14.57 14.89 -4.54
C ASN A 34 15.52 15.62 -5.49
N LYS A 35 15.08 16.66 -6.15
CA LYS A 35 15.88 17.51 -7.06
C LYS A 35 16.34 16.74 -8.30
N THR A 36 15.83 15.54 -8.56
CA THR A 36 16.24 14.78 -9.75
C THR A 36 15.03 14.34 -10.57
N ASP A 37 14.09 13.59 -10.00
CA ASP A 37 13.04 12.95 -10.84
C ASP A 37 11.65 13.09 -10.23
N ILE A 38 11.49 13.82 -9.14
CA ILE A 38 10.11 14.06 -8.63
C ILE A 38 10.03 15.43 -7.97
N TRP A 39 9.02 16.18 -8.37
CA TRP A 39 8.58 17.41 -7.70
C TRP A 39 7.09 17.27 -7.45
N VAL A 40 6.65 17.43 -6.23
CA VAL A 40 5.20 17.37 -5.85
CA VAL A 40 5.21 17.41 -5.91
C VAL A 40 4.88 18.62 -5.06
N ALA A 41 3.83 19.31 -5.42
CA ALA A 41 3.33 20.43 -4.62
C ALA A 41 1.85 20.26 -4.43
N LEU A 42 1.38 20.43 -3.22
CA LEU A 42 -0.06 20.40 -2.88
C LEU A 42 -0.50 21.84 -2.67
N LEU A 43 -1.34 22.32 -3.55
CA LEU A 43 -1.97 23.67 -3.48
C LEU A 43 -3.35 23.54 -2.91
N LEU A 44 -3.77 24.49 -2.10
CA LEU A 44 -5.11 24.47 -1.48
C LEU A 44 -5.97 25.53 -2.13
N VAL A 45 -7.12 25.12 -2.62
CA VAL A 45 -8.10 26.01 -3.25
C VAL A 45 -9.37 25.94 -2.45
N GLU A 46 -9.77 27.08 -1.92
CA GLU A 46 -10.94 27.21 -1.08
C GLU A 46 -12.22 26.96 -1.89
N PRO A 47 -13.34 26.76 -1.18
CA PRO A 47 -14.63 26.57 -1.84
C PRO A 47 -15.02 27.72 -2.76
N ASN A 48 -15.70 27.39 -3.84
CA ASN A 48 -16.47 28.37 -4.65
C ASN A 48 -15.53 29.40 -5.25
N VAL A 49 -14.50 28.93 -5.92
CA VAL A 49 -13.51 29.73 -6.64
C VAL A 49 -13.81 29.63 -8.15
N THR A 50 -14.17 30.74 -8.79
CA THR A 50 -14.40 30.78 -10.25
C THR A 50 -13.06 30.60 -10.99
N ASN A 51 -13.12 30.00 -12.18
CA ASN A 51 -11.91 29.70 -12.98
C ASN A 51 -11.04 30.95 -13.07
N GLN A 52 -9.77 30.85 -12.65
CA GLN A 52 -8.85 32.02 -12.56
C GLN A 52 -7.41 31.55 -12.50
N SER A 53 -6.50 32.42 -12.89
CA SER A 53 -5.06 32.19 -12.74
C SER A 53 -4.62 32.73 -11.40
N ARG A 54 -3.86 31.94 -10.64
CA ARG A 54 -3.29 32.36 -9.37
C ARG A 54 -1.80 32.12 -9.40
N GLN A 55 -1.08 32.95 -8.65
CA GLN A 55 0.38 32.90 -8.54
C GLN A 55 0.78 32.06 -7.31
N TYR A 56 1.69 31.13 -7.49
CA TYR A 56 2.25 30.29 -6.41
C TYR A 56 3.76 30.26 -6.54
N THR A 57 4.46 30.31 -5.43
CA THR A 57 5.91 30.11 -5.39
C THR A 57 6.16 28.65 -5.06
N LEU A 58 6.62 27.88 -6.03
CA LEU A 58 6.95 26.45 -5.87
C LEU A 58 8.44 26.29 -6.06
N PHE A 59 9.13 25.77 -5.05
CA PHE A 59 10.58 25.44 -5.14
C PHE A 59 11.35 26.68 -5.61
N GLY A 60 10.96 27.86 -5.10
CA GLY A 60 11.62 29.15 -5.37
C GLY A 60 11.25 29.77 -6.72
N GLU A 61 10.40 29.12 -7.53
CA GLU A 61 10.00 29.60 -8.87
C GLU A 61 8.56 30.13 -8.77
N THR A 62 8.30 31.31 -9.33
CA THR A 62 6.94 31.89 -9.41
C THR A 62 6.17 31.22 -10.57
N LYS A 63 5.00 30.66 -10.28
CA LYS A 63 4.18 29.95 -11.29
C LYS A 63 2.80 30.57 -11.33
N GLN A 64 2.24 30.64 -12.53
CA GLN A 64 0.82 30.97 -12.78
C GLN A 64 0.10 29.66 -13.08
N ILE A 65 -0.89 29.33 -12.25
CA ILE A 65 -1.64 28.07 -12.34
C ILE A 65 -3.11 28.41 -12.31
N THR A 66 -3.87 27.90 -13.27
CA THR A 66 -5.33 28.08 -13.35
C THR A 66 -6.01 27.09 -12.39
N VAL A 67 -6.88 27.63 -11.56
CA VAL A 67 -7.60 26.84 -10.56
C VAL A 67 -9.09 27.15 -10.66
N GLU A 68 -9.89 26.26 -10.19
CA GLU A 68 -11.35 26.40 -10.11
C GLU A 68 -11.83 25.46 -9.03
N ASN A 69 -12.86 25.84 -8.29
CA ASN A 69 -13.49 24.94 -7.32
C ASN A 69 -14.97 25.29 -7.27
N ASN A 70 -15.81 24.51 -7.92
CA ASN A 70 -17.25 24.78 -8.03
C ASN A 70 -17.98 24.28 -6.80
N THR A 71 -17.28 23.69 -5.86
CA THR A 71 -17.89 22.95 -4.74
C THR A 71 -17.81 23.77 -3.45
N ASN A 72 -18.49 23.26 -2.42
CA ASN A 72 -18.38 23.76 -1.03
C ASN A 72 -17.28 23.04 -0.26
N LYS A 73 -16.55 22.13 -0.90
CA LYS A 73 -15.40 21.46 -0.27
C LYS A 73 -14.12 22.18 -0.69
N TRP A 74 -13.09 22.01 0.07
CA TRP A 74 -11.73 22.47 -0.26
C TRP A 74 -11.11 21.50 -1.25
N LYS A 75 -10.29 21.98 -2.15
CA LYS A 75 -9.56 21.11 -3.09
C LYS A 75 -8.06 21.27 -2.88
N PHE A 76 -7.40 20.17 -2.69
CA PHE A 76 -5.94 20.05 -2.80
C PHE A 76 -5.61 19.69 -4.23
N PHE A 77 -4.91 20.55 -4.92
CA PHE A 77 -4.40 20.29 -6.28
C PHE A 77 -3.01 19.72 -6.12
N GLU A 78 -2.78 18.53 -6.62
CA GLU A 78 -1.47 17.88 -6.61
C GLU A 78 -0.79 18.21 -7.91
N MET A 79 0.21 19.04 -7.83
CA MET A 79 1.01 19.51 -8.97
C MET A 79 2.29 18.69 -9.04
N PHE A 80 2.66 18.26 -10.21
CA PHE A 80 3.73 17.26 -10.36
C PHE A 80 4.59 17.60 -11.57
N ARG A 81 5.87 17.29 -11.46
CA ARG A 81 6.76 17.11 -12.63
C ARG A 81 7.88 16.15 -12.28
N SER A 82 8.48 15.53 -13.30
CA SER A 82 9.51 14.49 -13.11
C SER A 82 10.84 14.95 -13.69
N ASN A 83 10.94 16.22 -14.06
CA ASN A 83 12.17 16.82 -14.64
C ASN A 83 12.23 18.29 -14.27
N VAL A 84 13.40 18.77 -13.89
CA VAL A 84 13.61 20.12 -13.31
C VAL A 84 13.20 21.21 -14.33
N SER A 85 13.24 20.91 -15.63
CA SER A 85 13.03 21.89 -16.73
C SER A 85 11.55 21.89 -17.18
N ALA A 86 10.75 20.92 -16.73
CA ALA A 86 9.34 20.75 -17.17
C ALA A 86 8.43 21.71 -16.40
N GLU A 87 7.29 22.09 -17.01
CA GLU A 87 6.15 22.74 -16.33
C GLU A 87 5.53 21.74 -15.35
N PHE A 88 4.87 22.24 -14.33
CA PHE A 88 4.01 21.40 -13.44
C PHE A 88 2.71 21.08 -14.17
N GLN A 89 2.26 19.86 -13.99
CA GLN A 89 0.94 19.36 -14.42
C GLN A 89 0.06 19.16 -13.19
N HIS A 90 -1.23 19.36 -13.34
CA HIS A 90 -2.24 19.05 -12.33
C HIS A 90 -2.53 17.56 -12.42
N LYS A 91 -1.96 16.76 -11.54
CA LYS A 91 -1.96 15.30 -11.67
C LYS A 91 -3.23 14.71 -11.02
N ARG A 92 -3.57 15.16 -9.81
CA ARG A 92 -4.63 14.60 -8.98
C ARG A 92 -5.29 15.71 -8.18
N THR A 93 -6.49 15.46 -7.68
CA THR A 93 -7.22 16.37 -6.79
C THR A 93 -7.74 15.57 -5.59
N LEU A 94 -7.66 16.15 -4.41
CA LEU A 94 -8.36 15.69 -3.21
C LEU A 94 -9.39 16.74 -2.86
N THR A 95 -10.65 16.36 -2.94
CA THR A 95 -11.80 17.24 -2.66
C THR A 95 -12.35 16.87 -1.32
N SER A 96 -12.28 17.80 -0.38
CA SER A 96 -12.25 17.46 1.06
C SER A 96 -13.19 18.37 1.86
N ASP A 97 -13.99 17.78 2.74
CA ASP A 97 -14.71 18.53 3.79
C ASP A 97 -13.89 18.56 5.11
N THR A 98 -12.77 17.85 5.19
CA THR A 98 -11.99 17.69 6.43
C THR A 98 -10.76 18.63 6.43
N LYS A 99 -10.38 19.10 5.25
CA LYS A 99 -9.16 19.93 5.06
C LYS A 99 -7.92 19.19 5.56
N LEU A 100 -7.86 17.89 5.38
CA LEU A 100 -6.68 17.09 5.69
C LEU A 100 -6.14 16.45 4.42
N ALA A 101 -4.84 16.42 4.27
CA ALA A 101 -4.20 15.70 3.15
C ALA A 101 -3.09 14.82 3.69
N GLY A 102 -2.54 13.96 2.87
CA GLY A 102 -1.52 13.00 3.29
C GLY A 102 -0.38 12.92 2.34
N PHE A 103 0.76 12.51 2.83
CA PHE A 103 1.99 12.32 2.06
C PHE A 103 2.78 11.21 2.73
N MET A 104 3.27 10.25 1.97
CA MET A 104 4.11 9.15 2.52
C MET A 104 5.16 8.74 1.51
N LYS A 105 6.36 8.48 2.00
CA LYS A 105 7.44 7.82 1.24
C LYS A 105 7.42 6.35 1.55
N PHE A 106 7.16 5.51 0.56
CA PHE A 106 7.08 4.05 0.80
C PHE A 106 7.24 3.31 -0.53
N TYR A 107 7.98 2.20 -0.50
CA TYR A 107 8.03 1.27 -1.65
C TYR A 107 8.46 2.07 -2.89
N ASN A 108 9.58 2.80 -2.79
CA ASN A 108 10.20 3.55 -3.92
C ASN A 108 9.20 4.52 -4.55
N SER A 109 8.25 5.00 -3.78
CA SER A 109 7.16 5.85 -4.33
C SER A 109 6.80 6.93 -3.33
N VAL A 110 6.18 7.99 -3.83
CA VAL A 110 5.50 8.98 -3.01
C VAL A 110 4.01 8.77 -3.13
N TRP A 111 3.32 8.67 -2.01
CA TRP A 111 1.88 8.34 -1.94
C TRP A 111 1.13 9.56 -1.44
N THR A 112 -0.05 9.79 -1.99
CA THR A 112 -0.97 10.85 -1.62
C THR A 112 -2.37 10.30 -1.63
N PHE A 113 -3.31 11.02 -1.04
CA PHE A 113 -4.73 10.73 -1.15
C PHE A 113 -5.31 11.59 -2.28
N HIS A 114 -6.32 11.06 -2.94
CA HIS A 114 -7.09 11.80 -3.97
C HIS A 114 -8.50 11.29 -4.03
N GLY A 115 -9.35 11.99 -4.75
CA GLY A 115 -10.77 11.66 -4.83
C GLY A 115 -11.55 12.58 -3.92
N GLU A 116 -12.76 12.24 -3.60
CA GLU A 116 -13.64 13.14 -2.84
C GLU A 116 -14.03 12.45 -1.54
N THR A 117 -13.83 13.12 -0.42
CA THR A 117 -14.27 12.60 0.90
C THR A 117 -15.76 12.31 0.80
N PRO A 118 -16.28 11.27 1.49
CA PRO A 118 -15.48 10.40 2.36
C PRO A 118 -14.92 9.14 1.69
N HIS A 119 -14.68 9.21 0.39
CA HIS A 119 -14.25 8.05 -0.44
C HIS A 119 -12.86 8.28 -1.00
N ALA A 120 -12.04 9.09 -0.34
CA ALA A 120 -10.67 9.37 -0.82
C ALA A 120 -9.80 8.13 -0.62
N THR A 121 -8.93 7.87 -1.58
CA THR A 121 -8.07 6.67 -1.64
C THR A 121 -6.65 7.11 -1.97
N THR A 122 -5.70 6.20 -1.93
CA THR A 122 -4.29 6.53 -2.17
C THR A 122 -3.88 6.18 -3.59
N ASP A 123 -2.88 6.89 -4.09
CA ASP A 123 -2.18 6.54 -5.36
C ASP A 123 -0.75 7.08 -5.24
N TYR A 124 0.10 6.66 -6.13
CA TYR A 124 1.54 6.84 -5.97
C TYR A 124 2.13 7.49 -7.21
N SER A 125 3.29 8.09 -7.02
CA SER A 125 4.23 8.51 -8.06
C SER A 125 5.57 7.82 -7.81
N SER A 126 6.10 7.16 -8.82
CA SER A 126 7.33 6.38 -8.73
C SER A 126 8.55 7.32 -8.73
N THR A 127 9.61 6.91 -8.05
CA THR A 127 10.90 7.63 -8.09
C THR A 127 12.03 6.60 -8.03
N SER A 128 13.15 6.93 -8.68
CA SER A 128 14.43 6.18 -8.63
C SER A 128 15.24 6.54 -7.37
N ASN A 129 14.90 7.62 -6.66
CA ASN A 129 15.69 8.13 -5.51
C ASN A 129 14.75 8.60 -4.40
N LEU A 130 14.03 7.69 -3.80
CA LEU A 130 13.03 8.02 -2.75
C LEU A 130 13.73 8.60 -1.51
N SER A 131 14.91 8.08 -1.15
CA SER A 131 15.61 8.45 0.09
C SER A 131 15.94 9.95 0.09
N GLU A 132 16.09 10.57 -1.07
CA GLU A 132 16.48 12.00 -1.17
C GLU A 132 15.25 12.90 -1.24
N VAL A 133 14.04 12.36 -1.21
CA VAL A 133 12.84 13.22 -1.22
C VAL A 133 12.75 13.97 0.11
N GLU A 134 12.75 15.30 0.04
CA GLU A 134 12.63 16.19 1.20
C GLU A 134 11.42 17.09 1.00
N THR A 135 10.76 17.46 2.08
CA THR A 135 9.47 18.19 2.04
C THR A 135 9.59 19.49 2.84
N VAL A 136 9.17 20.59 2.24
CA VAL A 136 8.79 21.81 2.96
C VAL A 136 7.30 21.67 3.28
N ILE A 137 6.95 21.68 4.56
CA ILE A 137 5.56 21.54 5.04
C ILE A 137 5.17 22.86 5.65
N HIS A 138 4.16 23.51 5.11
CA HIS A 138 3.79 24.90 5.47
C HIS A 138 2.68 24.90 6.52
N VAL A 139 2.28 23.73 7.01
CA VAL A 139 1.09 23.59 7.87
C VAL A 139 1.44 22.75 9.09
N GLU A 140 0.60 22.80 10.10
CA GLU A 140 0.63 21.84 11.22
C GLU A 140 0.46 20.42 10.66
N PHE A 141 1.12 19.44 11.21
CA PHE A 141 0.96 18.06 10.72
C PHE A 141 1.12 17.05 11.84
N TYR A 142 0.69 15.84 11.55
CA TYR A 142 0.78 14.68 12.42
C TYR A 142 1.52 13.58 11.66
N ILE A 143 2.07 12.61 12.38
CA ILE A 143 2.80 11.47 11.78
C ILE A 143 2.08 10.20 12.21
N ILE A 144 1.77 9.35 11.26
CA ILE A 144 1.05 8.09 11.51
C ILE A 144 1.80 6.98 10.80
N PRO A 145 2.20 5.90 11.49
CA PRO A 145 2.85 4.79 10.79
C PRO A 145 1.95 4.14 9.75
N ARG A 146 2.54 3.57 8.71
CA ARG A 146 1.79 2.91 7.62
C ARG A 146 0.95 1.76 8.21
N SER A 147 1.39 1.15 9.30
CA SER A 147 0.64 0.06 9.99
C SER A 147 -0.78 0.55 10.35
N GLN A 148 -0.93 1.87 10.56
CA GLN A 148 -2.17 2.53 11.01
C GLN A 148 -2.75 3.36 9.86
N GLU A 149 -2.54 2.94 8.63
CA GLU A 149 -3.09 3.64 7.44
C GLU A 149 -4.61 3.69 7.53
N SER A 150 -5.26 2.67 8.07
CA SER A 150 -6.75 2.66 8.19
C SER A 150 -7.20 3.85 9.06
N LYS A 151 -6.42 4.23 10.06
CA LYS A 151 -6.70 5.44 10.89
C LYS A 151 -6.39 6.72 10.08
N CYS A 152 -5.29 6.75 9.36
CA CYS A 152 -4.96 7.87 8.45
C CYS A 152 -6.12 8.09 7.46
N SER A 153 -6.60 7.02 6.83
CA SER A 153 -7.73 7.09 5.87
C SER A 153 -8.97 7.63 6.56
N GLU A 154 -9.23 7.17 7.78
CA GLU A 154 -10.40 7.64 8.55
C GLU A 154 -10.27 9.15 8.81
N TYR A 155 -9.11 9.63 9.19
CA TYR A 155 -8.88 11.08 9.43
C TYR A 155 -9.11 11.83 8.12
N ILE A 156 -8.46 11.39 7.05
CA ILE A 156 -8.56 12.09 5.73
C ILE A 156 -10.05 12.23 5.38
N ASN A 157 -10.80 11.17 5.56
CA ASN A 157 -12.18 11.07 5.01
C ASN A 157 -13.22 11.62 6.00
N THR A 158 -12.95 11.61 7.30
CA THR A 158 -14.00 12.01 8.31
C THR A 158 -13.48 13.02 9.34
N GLY A 159 -12.17 13.32 9.38
CA GLY A 159 -11.62 14.45 10.18
C GLY A 159 -10.98 14.00 11.47
N LEU B 2 -31.83 4.20 -23.63
CA LEU B 2 -30.79 4.83 -24.47
C LEU B 2 -31.33 5.10 -25.88
N ASP B 3 -30.99 6.25 -26.43
CA ASP B 3 -31.10 6.57 -27.88
C ASP B 3 -29.71 6.30 -28.53
N GLY B 4 -29.61 5.36 -29.45
CA GLY B 4 -28.34 4.99 -30.10
C GLY B 4 -28.29 3.51 -30.39
N PRO B 5 -27.13 2.90 -30.65
CA PRO B 5 -25.86 3.61 -30.70
C PRO B 5 -25.77 4.51 -31.94
N TYR B 6 -25.02 5.60 -31.83
CA TYR B 6 -24.65 6.48 -32.95
C TYR B 6 -23.18 6.32 -33.26
N GLN B 7 -22.83 6.42 -34.53
CA GLN B 7 -21.43 6.29 -35.00
C GLN B 7 -20.72 7.61 -34.78
N PRO B 8 -19.40 7.58 -34.72
CA PRO B 8 -18.62 8.82 -34.59
C PRO B 8 -19.06 9.88 -35.59
N THR B 9 -19.05 11.14 -35.19
CA THR B 9 -19.55 12.25 -36.01
C THR B 9 -19.10 13.58 -35.43
N ASN B 10 -19.26 14.63 -36.20
CA ASN B 10 -19.11 16.03 -35.73
C ASN B 10 -20.52 16.63 -35.70
N PHE B 11 -20.99 17.05 -34.54
CA PHE B 11 -22.31 17.69 -34.41
C PHE B 11 -22.40 18.57 -33.17
N LYS B 12 -23.42 19.43 -33.16
CA LYS B 12 -23.81 20.26 -32.01
C LYS B 12 -24.80 19.47 -31.16
N PRO B 13 -24.39 18.90 -30.01
CA PRO B 13 -25.29 18.09 -29.21
C PRO B 13 -26.41 18.96 -28.70
N PRO B 14 -27.62 18.41 -28.55
CA PRO B 14 -28.72 19.17 -27.98
C PRO B 14 -28.47 19.49 -26.50
N ASN B 15 -28.92 20.64 -26.05
CA ASN B 15 -28.99 21.01 -24.62
C ASN B 15 -29.85 20.00 -23.85
N ASP B 16 -29.46 19.69 -22.60
CA ASP B 16 -30.28 18.94 -21.61
C ASP B 16 -30.29 17.46 -21.95
N TYR B 17 -29.26 17.00 -22.64
CA TYR B 17 -29.08 15.58 -22.94
C TYR B 17 -27.66 15.20 -22.58
N TRP B 18 -27.52 14.08 -21.90
CA TRP B 18 -26.23 13.39 -21.72
C TRP B 18 -25.87 12.69 -23.02
N ILE B 19 -24.66 12.94 -23.48
CA ILE B 19 -23.96 12.07 -24.46
C ILE B 19 -23.19 11.03 -23.67
N LEU B 20 -23.52 9.76 -23.83
CA LEU B 20 -22.85 8.66 -23.14
C LEU B 20 -21.86 8.05 -24.12
N LEU B 21 -20.58 8.17 -23.83
CA LEU B 21 -19.49 7.83 -24.74
C LEU B 21 -19.02 6.40 -24.49
N ASN B 22 -18.90 5.60 -25.53
CA ASN B 22 -18.56 4.16 -25.41
C ASN B 22 -17.34 3.83 -26.26
N PRO B 23 -16.13 4.25 -25.83
CA PRO B 23 -14.92 3.92 -26.55
C PRO B 23 -14.62 2.42 -26.57
N THR B 24 -13.83 2.02 -27.54
CA THR B 24 -13.06 0.75 -27.54
C THR B 24 -11.62 1.08 -27.11
N ASN B 25 -10.81 1.63 -28.03
CA ASN B 25 -9.37 1.87 -27.78
C ASN B 25 -8.94 3.23 -28.33
N GLN B 26 -9.86 4.16 -28.57
CA GLN B 26 -9.51 5.45 -29.18
C GLN B 26 -8.66 6.25 -28.18
N GLN B 27 -7.68 7.01 -28.65
CA GLN B 27 -6.85 7.93 -27.80
C GLN B 27 -7.68 9.14 -27.38
N VAL B 28 -8.31 9.79 -28.35
CA VAL B 28 -9.13 11.00 -28.15
C VAL B 28 -10.56 10.56 -28.31
N VAL B 29 -11.35 10.77 -27.28
CA VAL B 29 -12.75 10.28 -27.23
C VAL B 29 -13.68 11.39 -27.72
N LEU B 30 -13.42 12.62 -27.32
CA LEU B 30 -14.31 13.77 -27.60
C LEU B 30 -13.47 15.04 -27.63
N GLU B 31 -13.79 15.94 -28.55
CA GLU B 31 -13.25 17.31 -28.59
C GLU B 31 -14.43 18.25 -28.69
N GLY B 32 -14.64 19.11 -27.73
CA GLY B 32 -15.74 20.07 -27.75
C GLY B 32 -15.26 21.48 -27.63
N THR B 33 -15.78 22.35 -28.45
CA THR B 33 -15.45 23.78 -28.35
C THR B 33 -16.58 24.62 -28.91
N ASN B 34 -16.62 25.85 -28.45
CA ASN B 34 -17.39 26.93 -29.10
C ASN B 34 -16.46 27.90 -29.81
N LYS B 35 -15.15 27.67 -29.77
CA LYS B 35 -14.11 28.52 -30.43
C LYS B 35 -14.01 29.89 -29.76
N THR B 36 -14.60 30.07 -28.56
CA THR B 36 -14.57 31.37 -27.85
C THR B 36 -14.01 31.21 -26.45
N ASP B 37 -14.62 30.40 -25.60
CA ASP B 37 -14.20 30.38 -24.18
C ASP B 37 -14.20 28.97 -23.60
N ILE B 38 -14.41 27.91 -24.37
CA ILE B 38 -14.24 26.56 -23.83
C ILE B 38 -13.72 25.62 -24.90
N TRP B 39 -12.69 24.88 -24.54
CA TRP B 39 -12.11 23.74 -25.26
C TRP B 39 -12.01 22.61 -24.27
N VAL B 40 -12.69 21.52 -24.52
CA VAL B 40 -12.60 20.33 -23.64
CA VAL B 40 -12.68 20.30 -23.64
C VAL B 40 -12.30 19.12 -24.51
N ALA B 41 -11.34 18.35 -24.10
CA ALA B 41 -10.99 17.10 -24.76
C ALA B 41 -11.02 16.00 -23.71
N LEU B 42 -11.49 14.85 -24.07
CA LEU B 42 -11.45 13.67 -23.20
C LEU B 42 -10.51 12.66 -23.82
N LEU B 43 -9.44 12.34 -23.13
CA LEU B 43 -8.38 11.42 -23.58
C LEU B 43 -8.57 10.11 -22.86
N LEU B 44 -8.28 9.00 -23.51
CA LEU B 44 -8.43 7.68 -22.89
C LEU B 44 -7.09 7.04 -22.69
N VAL B 45 -6.80 6.64 -21.45
CA VAL B 45 -5.52 6.05 -21.04
C VAL B 45 -5.81 4.68 -20.45
N GLU B 46 -5.23 3.66 -21.07
CA GLU B 46 -5.45 2.26 -20.74
C GLU B 46 -4.79 1.97 -19.40
N PRO B 47 -5.11 0.83 -18.79
CA PRO B 47 -4.49 0.42 -17.55
C PRO B 47 -2.96 0.28 -17.64
N ASN B 48 -2.28 0.45 -16.52
CA ASN B 48 -0.84 0.10 -16.37
C ASN B 48 0.02 0.89 -17.36
N VAL B 49 -0.12 2.19 -17.32
CA VAL B 49 0.66 3.11 -18.15
C VAL B 49 1.63 3.88 -17.25
N THR B 50 2.94 3.74 -17.52
CA THR B 50 4.05 4.44 -16.85
C THR B 50 4.00 5.88 -17.26
N ASN B 51 4.30 6.81 -16.34
CA ASN B 51 4.40 8.24 -16.64
C ASN B 51 5.15 8.43 -17.95
N GLN B 52 4.48 8.98 -18.94
CA GLN B 52 5.06 9.15 -20.27
C GLN B 52 4.39 10.32 -20.94
N SER B 53 5.05 10.87 -21.94
CA SER B 53 4.49 11.94 -22.77
C SER B 53 3.87 11.32 -24.02
N ARG B 54 2.57 11.49 -24.21
CA ARG B 54 1.89 10.96 -25.39
C ARG B 54 1.47 12.10 -26.29
N GLN B 55 1.41 11.80 -27.56
CA GLN B 55 1.02 12.78 -28.56
C GLN B 55 -0.48 12.68 -28.84
N TYR B 56 -1.15 13.82 -28.85
CA TYR B 56 -2.58 13.89 -29.18
C TYR B 56 -2.78 15.02 -30.15
N THR B 57 -3.69 14.85 -31.09
CA THR B 57 -4.15 15.94 -31.96
C THR B 57 -5.48 16.45 -31.44
N LEU B 58 -5.48 17.65 -30.89
CA LEU B 58 -6.69 18.27 -30.28
C LEU B 58 -7.00 19.55 -31.04
N PHE B 59 -8.18 19.63 -31.62
CA PHE B 59 -8.62 20.82 -32.36
C PHE B 59 -7.56 21.18 -33.40
N GLY B 60 -6.99 20.16 -34.03
CA GLY B 60 -5.99 20.32 -35.11
C GLY B 60 -4.59 20.58 -34.59
N GLU B 61 -4.43 20.77 -33.29
CA GLU B 61 -3.14 21.13 -32.65
C GLU B 61 -2.43 19.85 -32.18
N THR B 62 -1.14 19.75 -32.40
CA THR B 62 -0.33 18.64 -31.91
C THR B 62 0.13 18.96 -30.48
N LYS B 63 -0.28 18.15 -29.52
CA LYS B 63 0.00 18.35 -28.10
C LYS B 63 0.80 17.15 -27.58
N GLN B 64 1.77 17.40 -26.73
CA GLN B 64 2.46 16.36 -25.94
C GLN B 64 1.96 16.49 -24.51
N ILE B 65 1.28 15.48 -24.03
CA ILE B 65 0.62 15.51 -22.71
C ILE B 65 1.16 14.35 -21.89
N THR B 66 1.58 14.62 -20.67
CA THR B 66 2.08 13.58 -19.75
C THR B 66 0.91 12.85 -19.15
N VAL B 67 0.91 11.53 -19.23
CA VAL B 67 -0.18 10.70 -18.69
C VAL B 67 0.44 9.58 -17.87
N GLU B 68 -0.33 9.08 -16.94
CA GLU B 68 0.02 7.93 -16.10
C GLU B 68 -1.26 7.25 -15.70
N ASN B 69 -1.26 5.95 -15.60
CA ASN B 69 -2.38 5.18 -15.06
C ASN B 69 -1.84 3.98 -14.30
N ASN B 70 -1.69 4.12 -13.01
CA ASN B 70 -1.14 3.04 -12.18
C ASN B 70 -2.16 1.94 -11.94
N THR B 71 -3.42 2.16 -12.32
CA THR B 71 -4.55 1.29 -11.92
C THR B 71 -4.81 0.22 -12.99
N ASN B 72 -5.70 -0.69 -12.67
CA ASN B 72 -6.21 -1.74 -13.58
C ASN B 72 -7.52 -1.24 -14.21
N LYS B 73 -7.85 0.02 -14.01
CA LYS B 73 -9.03 0.65 -14.61
C LYS B 73 -8.58 1.58 -15.74
N TRP B 74 -9.48 1.94 -16.62
CA TRP B 74 -9.23 2.93 -17.68
C TRP B 74 -9.41 4.31 -17.09
N LYS B 75 -8.67 5.27 -17.57
CA LYS B 75 -8.80 6.67 -17.13
C LYS B 75 -9.16 7.53 -18.31
N PHE B 76 -10.16 8.36 -18.12
CA PHE B 76 -10.48 9.48 -19.02
C PHE B 76 -9.86 10.73 -18.40
N PHE B 77 -8.94 11.34 -19.11
CA PHE B 77 -8.36 12.63 -18.74
C PHE B 77 -9.16 13.73 -19.40
N GLU B 78 -9.70 14.64 -18.60
CA GLU B 78 -10.42 15.82 -19.10
C GLU B 78 -9.44 16.98 -19.19
N MET B 79 -9.13 17.38 -20.40
CA MET B 79 -8.19 18.49 -20.71
C MET B 79 -9.01 19.71 -21.05
N PHE B 80 -8.63 20.87 -20.54
CA PHE B 80 -9.47 22.07 -20.59
C PHE B 80 -8.59 23.27 -20.86
N ARG B 81 -9.13 24.22 -21.61
CA ARG B 81 -8.61 25.61 -21.64
C ARG B 81 -9.76 26.55 -22.00
N SER B 82 -9.59 27.82 -21.75
CA SER B 82 -10.66 28.82 -22.02
C SER B 82 -10.14 29.87 -22.97
N ASN B 83 -8.95 29.67 -23.55
CA ASN B 83 -8.36 30.56 -24.60
C ASN B 83 -7.69 29.72 -25.66
N VAL B 84 -7.87 30.06 -26.95
CA VAL B 84 -7.50 29.21 -28.12
C VAL B 84 -5.98 29.07 -28.18
N SER B 85 -5.23 30.01 -27.61
CA SER B 85 -3.75 30.06 -27.71
C SER B 85 -3.11 29.48 -26.45
N ALA B 86 -3.90 29.10 -25.45
CA ALA B 86 -3.42 28.63 -24.13
C ALA B 86 -3.07 27.14 -24.22
N GLU B 87 -2.23 26.65 -23.32
CA GLU B 87 -1.99 25.21 -23.18
C GLU B 87 -3.20 24.60 -22.48
N PHE B 88 -3.43 23.32 -22.67
CA PHE B 88 -4.46 22.56 -21.95
C PHE B 88 -4.00 22.28 -20.53
N GLN B 89 -4.93 22.37 -19.58
CA GLN B 89 -4.74 21.87 -18.20
C GLN B 89 -5.44 20.53 -18.08
N HIS B 90 -4.88 19.62 -17.31
CA HIS B 90 -5.55 18.38 -16.87
C HIS B 90 -6.49 18.74 -15.74
N LYS B 91 -7.76 18.86 -16.03
CA LYS B 91 -8.73 19.45 -15.08
C LYS B 91 -9.30 18.37 -14.18
N ARG B 92 -9.69 17.23 -14.74
CA ARG B 92 -10.39 16.16 -14.00
C ARG B 92 -10.03 14.83 -14.59
N THR B 93 -10.33 13.77 -13.86
CA THR B 93 -10.10 12.39 -14.30
C THR B 93 -11.34 11.58 -13.96
N LEU B 94 -11.72 10.69 -14.84
CA LEU B 94 -12.72 9.65 -14.56
C LEU B 94 -12.03 8.30 -14.64
N THR B 95 -12.00 7.60 -13.53
CA THR B 95 -11.33 6.31 -13.41
C THR B 95 -12.39 5.22 -13.40
N SER B 96 -12.39 4.37 -14.40
CA SER B 96 -13.60 3.62 -14.82
C SER B 96 -13.26 2.16 -15.08
N ASP B 97 -14.07 1.25 -14.54
CA ASP B 97 -14.08 -0.17 -14.95
C ASP B 97 -15.10 -0.40 -16.08
N THR B 98 -15.97 0.57 -16.37
CA THR B 98 -17.07 0.44 -17.36
C THR B 98 -16.62 0.95 -18.74
N LYS B 99 -15.63 1.84 -18.77
CA LYS B 99 -15.15 2.56 -19.99
C LYS B 99 -16.28 3.38 -20.60
N LEU B 100 -17.18 3.92 -19.78
CA LEU B 100 -18.22 4.86 -20.24
C LEU B 100 -17.90 6.24 -19.67
N ALA B 101 -18.12 7.28 -20.45
CA ALA B 101 -17.96 8.68 -20.02
C ALA B 101 -19.17 9.48 -20.47
N GLY B 102 -19.27 10.71 -20.01
CA GLY B 102 -20.44 11.55 -20.26
C GLY B 102 -20.08 12.96 -20.64
N PHE B 103 -20.93 13.59 -21.42
CA PHE B 103 -20.80 15.01 -21.76
C PHE B 103 -22.20 15.56 -21.91
N MET B 104 -22.44 16.74 -21.37
CA MET B 104 -23.76 17.40 -21.49
C MET B 104 -23.60 18.90 -21.51
N LYS B 105 -24.31 19.54 -22.42
CA LYS B 105 -24.56 21.00 -22.43
C LYS B 105 -25.83 21.28 -21.62
N PHE B 106 -25.75 22.10 -20.59
CA PHE B 106 -26.97 22.41 -19.77
C PHE B 106 -26.74 23.69 -18.96
N TYR B 107 -27.61 24.68 -19.13
CA TYR B 107 -27.62 25.91 -18.27
C TYR B 107 -26.21 26.55 -18.16
N ASN B 108 -25.69 27.14 -19.26
CA ASN B 108 -24.47 28.00 -19.31
C ASN B 108 -23.25 27.21 -18.83
N SER B 109 -23.28 25.89 -18.94
CA SER B 109 -22.11 25.06 -18.59
C SER B 109 -22.05 23.78 -19.41
N VAL B 110 -20.86 23.21 -19.46
CA VAL B 110 -20.61 21.85 -19.99
C VAL B 110 -20.32 20.94 -18.79
N TRP B 111 -20.95 19.80 -18.76
CA TRP B 111 -20.90 18.82 -17.65
C TRP B 111 -20.19 17.55 -18.08
N THR B 112 -19.44 16.96 -17.16
CA THR B 112 -18.79 15.65 -17.36
C THR B 112 -18.88 14.89 -16.06
N PHE B 113 -18.53 13.61 -16.09
CA PHE B 113 -18.36 12.78 -14.87
C PHE B 113 -16.90 12.73 -14.51
N HIS B 114 -16.60 12.69 -13.23
CA HIS B 114 -15.23 12.51 -12.74
C HIS B 114 -15.22 11.71 -11.45
N GLY B 115 -14.05 11.31 -11.03
CA GLY B 115 -13.86 10.46 -9.84
C GLY B 115 -13.73 9.02 -10.23
N GLU B 116 -13.81 8.13 -9.28
CA GLU B 116 -13.60 6.71 -9.58
C GLU B 116 -14.90 5.96 -9.40
N THR B 117 -15.27 5.15 -10.38
CA THR B 117 -16.42 4.23 -10.29
C THR B 117 -16.22 3.34 -9.07
N PRO B 118 -17.27 3.03 -8.29
CA PRO B 118 -18.65 3.42 -8.63
C PRO B 118 -19.17 4.68 -7.92
N HIS B 119 -18.28 5.64 -7.62
CA HIS B 119 -18.60 6.90 -6.92
C HIS B 119 -18.38 8.09 -7.85
N ALA B 120 -18.46 7.90 -9.16
CA ALA B 120 -18.24 9.01 -10.11
C ALA B 120 -19.43 9.96 -10.04
N THR B 121 -19.16 11.24 -10.05
CA THR B 121 -20.16 12.32 -9.91
C THR B 121 -19.95 13.34 -11.02
N THR B 122 -20.83 14.30 -11.12
CA THR B 122 -20.83 15.30 -12.21
C THR B 122 -20.13 16.56 -11.73
N ASP B 123 -19.54 17.30 -12.65
CA ASP B 123 -19.04 18.66 -12.39
C ASP B 123 -19.01 19.38 -13.73
N TYR B 124 -18.78 20.66 -13.69
CA TYR B 124 -19.07 21.53 -14.85
C TYR B 124 -17.93 22.50 -15.08
N SER B 125 -17.91 23.02 -16.30
CA SER B 125 -17.12 24.20 -16.73
C SER B 125 -18.11 25.24 -17.27
N SER B 126 -17.92 26.48 -16.88
CA SER B 126 -18.77 27.63 -17.24
C SER B 126 -18.44 28.11 -18.65
N THR B 127 -19.47 28.57 -19.37
CA THR B 127 -19.34 29.22 -20.69
C THR B 127 -20.34 30.34 -20.77
N SER B 128 -19.99 31.38 -21.50
CA SER B 128 -20.95 32.45 -21.88
C SER B 128 -21.47 32.22 -23.31
N ASN B 129 -21.16 31.07 -23.92
CA ASN B 129 -21.50 30.80 -25.33
C ASN B 129 -21.83 29.31 -25.48
N LEU B 130 -22.80 28.82 -24.71
CA LEU B 130 -23.09 27.37 -24.64
C LEU B 130 -23.64 26.90 -25.98
N SER B 131 -24.52 27.67 -26.62
CA SER B 131 -25.29 27.23 -27.80
C SER B 131 -24.33 26.87 -28.94
N GLU B 132 -23.13 27.48 -28.99
CA GLU B 132 -22.15 27.29 -30.09
C GLU B 132 -21.17 26.15 -29.75
N VAL B 133 -21.31 25.49 -28.60
CA VAL B 133 -20.44 24.31 -28.30
C VAL B 133 -20.77 23.16 -29.26
N GLU B 134 -19.80 22.71 -30.03
CA GLU B 134 -19.97 21.56 -30.94
C GLU B 134 -18.90 20.54 -30.61
N THR B 135 -19.18 19.29 -30.90
CA THR B 135 -18.34 18.17 -30.46
C THR B 135 -17.94 17.34 -31.66
N VAL B 136 -16.68 16.99 -31.75
CA VAL B 136 -16.25 15.83 -32.56
C VAL B 136 -16.21 14.64 -31.66
N ILE B 137 -17.05 13.65 -31.92
CA ILE B 137 -17.13 12.44 -31.09
C ILE B 137 -16.47 11.30 -31.85
N HIS B 138 -15.41 10.71 -31.30
CA HIS B 138 -14.57 9.74 -32.01
C HIS B 138 -15.04 8.33 -31.75
N VAL B 139 -16.10 8.16 -30.97
CA VAL B 139 -16.53 6.85 -30.43
C VAL B 139 -18.01 6.67 -30.72
N GLU B 140 -18.49 5.46 -30.60
CA GLU B 140 -19.94 5.18 -30.53
C GLU B 140 -20.52 5.88 -29.32
N PHE B 141 -21.72 6.40 -29.43
CA PHE B 141 -22.33 7.11 -28.31
C PHE B 141 -23.82 6.90 -28.29
N TYR B 142 -24.39 7.28 -27.19
CA TYR B 142 -25.84 7.24 -26.92
C TYR B 142 -26.26 8.59 -26.40
N ILE B 143 -27.55 8.87 -26.50
CA ILE B 143 -28.15 10.12 -26.00
C ILE B 143 -29.20 9.73 -24.97
N ILE B 144 -29.12 10.34 -23.81
CA ILE B 144 -30.02 10.12 -22.65
C ILE B 144 -30.52 11.49 -22.21
N PRO B 145 -31.84 11.67 -22.06
CA PRO B 145 -32.34 12.95 -21.53
C PRO B 145 -31.85 13.13 -20.09
N ARG B 146 -31.61 14.37 -19.69
CA ARG B 146 -31.09 14.72 -18.34
C ARG B 146 -32.05 14.21 -17.26
N SER B 147 -33.35 14.21 -17.53
CA SER B 147 -34.40 13.67 -16.63
C SER B 147 -34.06 12.24 -16.21
N GLN B 148 -33.30 11.50 -17.05
CA GLN B 148 -32.86 10.10 -16.80
C GLN B 148 -31.38 10.08 -16.39
N GLU B 149 -30.88 11.19 -15.86
CA GLU B 149 -29.46 11.33 -15.46
C GLU B 149 -29.13 10.26 -14.41
N SER B 150 -30.11 9.87 -13.58
CA SER B 150 -29.97 8.78 -12.59
C SER B 150 -29.50 7.50 -13.30
N LYS B 151 -30.12 7.18 -14.44
CA LYS B 151 -29.77 5.99 -15.27
C LYS B 151 -28.37 6.21 -15.88
N CYS B 152 -28.11 7.41 -16.40
CA CYS B 152 -26.78 7.76 -16.95
C CYS B 152 -25.69 7.49 -15.90
N SER B 153 -25.90 7.96 -14.69
CA SER B 153 -24.98 7.80 -13.55
C SER B 153 -24.79 6.32 -13.22
N GLU B 154 -25.89 5.54 -13.22
CA GLU B 154 -25.84 4.08 -13.05
C GLU B 154 -24.95 3.45 -14.13
N TYR B 155 -25.14 3.82 -15.41
CA TYR B 155 -24.40 3.25 -16.55
C TYR B 155 -22.93 3.59 -16.39
N ILE B 156 -22.61 4.87 -16.15
CA ILE B 156 -21.22 5.37 -15.94
C ILE B 156 -20.58 4.51 -14.83
N ASN B 157 -21.32 4.27 -13.74
CA ASN B 157 -20.72 3.71 -12.50
C ASN B 157 -20.74 2.18 -12.49
N THR B 158 -21.74 1.53 -13.11
CA THR B 158 -21.99 0.06 -12.94
C THR B 158 -22.05 -0.66 -14.30
N GLY B 159 -22.30 0.08 -15.40
CA GLY B 159 -22.16 -0.42 -16.79
C GLY B 159 -23.47 -0.90 -17.38
N ASP C 3 -17.70 -8.07 -2.16
CA ASP C 3 -17.79 -8.83 -3.47
C ASP C 3 -17.44 -10.31 -3.24
N GLY C 4 -18.45 -11.17 -3.29
CA GLY C 4 -18.35 -12.61 -2.99
C GLY C 4 -19.54 -13.04 -2.14
N PRO C 5 -19.50 -14.22 -1.49
CA PRO C 5 -18.34 -15.10 -1.53
C PRO C 5 -18.16 -15.82 -2.86
N TYR C 6 -16.93 -16.16 -3.19
CA TYR C 6 -16.56 -17.02 -4.32
C TYR C 6 -16.14 -18.38 -3.79
N GLN C 7 -16.41 -19.44 -4.56
CA GLN C 7 -16.05 -20.81 -4.18
C GLN C 7 -14.58 -21.03 -4.43
N PRO C 8 -13.99 -22.02 -3.76
CA PRO C 8 -12.66 -22.51 -4.08
C PRO C 8 -12.45 -22.70 -5.58
N THR C 9 -11.27 -22.36 -6.06
CA THR C 9 -11.00 -22.28 -7.50
C THR C 9 -9.50 -22.30 -7.76
N ASN C 10 -9.14 -22.47 -8.99
CA ASN C 10 -7.77 -22.30 -9.48
C ASN C 10 -7.82 -21.24 -10.58
N PHE C 11 -7.23 -20.09 -10.36
CA PHE C 11 -7.33 -18.97 -11.32
C PHE C 11 -6.16 -18.03 -11.15
N LYS C 12 -6.02 -17.15 -12.12
CA LYS C 12 -5.04 -16.05 -12.14
C LYS C 12 -5.75 -14.82 -11.62
N PRO C 13 -5.51 -14.43 -10.36
CA PRO C 13 -6.17 -13.27 -9.79
C PRO C 13 -5.79 -12.02 -10.58
N PRO C 14 -6.73 -11.09 -10.83
CA PRO C 14 -6.39 -9.81 -11.43
C PRO C 14 -5.50 -8.98 -10.48
N ASN C 15 -4.60 -8.20 -11.04
CA ASN C 15 -3.75 -7.23 -10.29
C ASN C 15 -4.66 -6.22 -9.56
N ASP C 16 -4.22 -5.78 -8.37
CA ASP C 16 -4.79 -4.63 -7.61
C ASP C 16 -6.10 -5.01 -6.93
N TYR C 17 -6.27 -6.27 -6.55
CA TYR C 17 -7.41 -6.75 -5.74
C TYR C 17 -6.89 -7.64 -4.64
N TRP C 18 -7.34 -7.38 -3.43
CA TRP C 18 -7.19 -8.29 -2.29
C TRP C 18 -8.11 -9.48 -2.47
N ILE C 19 -7.58 -10.66 -2.32
CA ILE C 19 -8.34 -11.90 -2.05
C ILE C 19 -8.43 -12.07 -0.54
N LEU C 20 -9.61 -11.95 0.02
CA LEU C 20 -9.87 -12.12 1.46
C LEU C 20 -10.32 -13.55 1.67
N LEU C 21 -9.45 -14.34 2.26
CA LEU C 21 -9.59 -15.80 2.40
C LEU C 21 -10.35 -16.10 3.67
N ASN C 22 -11.33 -17.01 3.61
CA ASN C 22 -12.30 -17.25 4.71
C ASN C 22 -12.38 -18.74 4.98
N PRO C 23 -11.32 -19.38 5.51
CA PRO C 23 -11.31 -20.81 5.78
C PRO C 23 -12.28 -21.22 6.88
N THR C 24 -12.69 -22.48 6.87
CA THR C 24 -13.27 -23.14 8.07
C THR C 24 -12.16 -23.91 8.79
N ASN C 25 -11.69 -25.02 8.23
CA ASN C 25 -10.63 -25.84 8.87
C ASN C 25 -9.69 -26.44 7.82
N GLN C 26 -9.63 -25.85 6.62
CA GLN C 26 -8.70 -26.29 5.55
C GLN C 26 -7.24 -26.12 6.01
N GLN C 27 -6.39 -27.11 5.77
CA GLN C 27 -4.97 -27.13 6.20
C GLN C 27 -4.18 -26.19 5.30
N VAL C 28 -4.39 -26.32 4.00
CA VAL C 28 -3.75 -25.45 2.97
C VAL C 28 -4.82 -24.51 2.45
N VAL C 29 -4.64 -23.23 2.66
CA VAL C 29 -5.63 -22.21 2.34
C VAL C 29 -5.43 -21.71 0.92
N LEU C 30 -4.20 -21.48 0.55
CA LEU C 30 -3.85 -20.85 -0.73
C LEU C 30 -2.48 -21.33 -1.17
N GLU C 31 -2.33 -21.62 -2.43
CA GLU C 31 -1.05 -21.94 -3.09
C GLU C 31 -0.91 -21.02 -4.30
N GLY C 32 0.11 -20.19 -4.33
CA GLY C 32 0.37 -19.24 -5.44
C GLY C 32 1.74 -19.46 -6.05
N THR C 33 1.84 -19.47 -7.36
CA THR C 33 3.14 -19.56 -8.02
C THR C 33 3.03 -19.01 -9.43
N ASN C 34 4.16 -18.55 -9.94
CA ASN C 34 4.35 -18.28 -11.39
C ASN C 34 5.28 -19.34 -12.00
N LYS C 35 5.68 -20.37 -11.22
CA LYS C 35 6.49 -21.54 -11.62
C LYS C 35 7.92 -21.10 -12.00
N THR C 36 8.30 -19.86 -11.69
CA THR C 36 9.66 -19.32 -12.00
C THR C 36 10.34 -18.83 -10.73
N ASP C 37 9.81 -17.81 -10.05
CA ASP C 37 10.60 -17.17 -8.97
C ASP C 37 9.76 -16.91 -7.74
N ILE C 38 8.52 -17.41 -7.67
CA ILE C 38 7.75 -17.28 -6.41
C ILE C 38 6.81 -18.47 -6.24
N TRP C 39 6.91 -19.08 -5.07
CA TRP C 39 5.95 -20.06 -4.53
C TRP C 39 5.54 -19.59 -3.16
N VAL C 40 4.28 -19.36 -2.95
CA VAL C 40 3.80 -18.97 -1.61
CA VAL C 40 3.72 -18.89 -1.64
C VAL C 40 2.62 -19.88 -1.25
N ALA C 41 2.63 -20.40 -0.04
CA ALA C 41 1.54 -21.23 0.47
C ALA C 41 1.15 -20.72 1.83
N LEU C 42 -0.14 -20.56 2.07
CA LEU C 42 -0.66 -20.20 3.41
C LEU C 42 -1.23 -21.46 4.06
N LEU C 43 -0.66 -21.87 5.17
CA LEU C 43 -1.08 -23.05 5.95
C LEU C 43 -1.84 -22.54 7.15
N LEU C 44 -2.91 -23.22 7.53
CA LEU C 44 -3.71 -22.81 8.70
C LEU C 44 -3.46 -23.79 9.83
N VAL C 45 -3.07 -23.27 10.98
CA VAL C 45 -2.71 -24.06 12.19
C VAL C 45 -3.64 -23.59 13.32
N GLU C 46 -4.49 -24.47 13.78
CA GLU C 46 -5.52 -24.15 14.78
C GLU C 46 -4.86 -23.87 16.13
N PRO C 47 -5.62 -23.30 17.08
CA PRO C 47 -5.10 -23.06 18.40
C PRO C 47 -4.58 -24.33 19.08
N ASN C 48 -3.63 -24.16 19.98
CA ASN C 48 -3.18 -25.22 20.94
C ASN C 48 -2.66 -26.42 20.17
N VAL C 49 -1.61 -26.19 19.41
CA VAL C 49 -0.88 -27.21 18.66
C VAL C 49 0.54 -27.28 19.23
N THR C 50 0.88 -28.38 19.86
CA THR C 50 2.26 -28.63 20.31
C THR C 50 3.15 -28.80 19.11
N ASN C 51 4.42 -28.44 19.26
CA ASN C 51 5.42 -28.64 18.22
C ASN C 51 5.25 -30.04 17.62
N GLN C 52 4.96 -30.12 16.33
CA GLN C 52 4.64 -31.39 15.68
C GLN C 52 4.85 -31.24 14.18
N SER C 53 5.24 -32.29 13.54
CA SER C 53 5.34 -32.36 12.08
C SER C 53 3.95 -32.67 11.50
N ARG C 54 3.51 -31.91 10.51
CA ARG C 54 2.30 -32.20 9.74
C ARG C 54 2.65 -32.30 8.26
N GLN C 55 1.87 -33.05 7.55
CA GLN C 55 2.02 -33.27 6.10
C GLN C 55 1.14 -32.27 5.36
N TYR C 56 1.71 -31.60 4.37
CA TYR C 56 0.98 -30.70 3.48
C TYR C 56 1.39 -31.03 2.05
N THR C 57 0.43 -31.09 1.16
CA THR C 57 0.69 -31.23 -0.29
C THR C 57 0.67 -29.85 -0.94
N LEU C 58 1.86 -29.33 -1.24
CA LEU C 58 2.04 -27.96 -1.81
C LEU C 58 2.52 -28.11 -3.25
N PHE C 59 1.74 -27.64 -4.21
CA PHE C 59 2.12 -27.63 -5.65
C PHE C 59 2.49 -29.05 -6.07
N GLY C 60 1.74 -30.03 -5.54
CA GLY C 60 1.91 -31.45 -5.93
C GLY C 60 3.04 -32.12 -5.16
N GLU C 61 3.70 -31.39 -4.27
CA GLU C 61 4.87 -31.88 -3.50
C GLU C 61 4.39 -32.15 -2.08
N THR C 62 4.56 -33.35 -1.57
CA THR C 62 4.29 -33.68 -0.16
C THR C 62 5.44 -33.16 0.71
N LYS C 63 5.12 -32.30 1.67
CA LYS C 63 6.10 -31.69 2.58
C LYS C 63 5.73 -32.02 4.02
N GLN C 64 6.72 -32.36 4.83
CA GLN C 64 6.61 -32.47 6.30
C GLN C 64 7.10 -31.17 6.92
N ILE C 65 6.19 -30.42 7.51
CA ILE C 65 6.49 -29.08 8.04
C ILE C 65 6.20 -29.10 9.53
N THR C 66 7.17 -28.70 10.32
CA THR C 66 6.99 -28.57 11.79
C THR C 66 6.21 -27.30 12.08
N VAL C 67 5.15 -27.41 12.87
CA VAL C 67 4.26 -26.30 13.19
C VAL C 67 4.03 -26.30 14.68
N GLU C 68 3.68 -25.17 15.20
CA GLU C 68 3.36 -25.00 16.62
C GLU C 68 2.41 -23.81 16.74
N ASN C 69 1.53 -23.87 17.68
CA ASN C 69 0.63 -22.74 18.01
C ASN C 69 0.31 -22.85 19.49
N ASN C 70 0.95 -22.01 20.30
CA ASN C 70 0.76 -22.02 21.76
C ASN C 70 -0.47 -21.22 22.16
N THR C 71 -1.09 -20.50 21.23
CA THR C 71 -2.11 -19.49 21.50
C THR C 71 -3.50 -20.08 21.35
N ASN C 72 -4.49 -19.28 21.72
CA ASN C 72 -5.92 -19.58 21.49
C ASN C 72 -6.35 -18.90 20.19
N LYS C 73 -5.41 -18.39 19.40
CA LYS C 73 -5.68 -17.75 18.10
C LYS C 73 -5.30 -18.73 17.00
N TRP C 74 -5.78 -18.48 15.80
CA TRP C 74 -5.42 -19.27 14.61
C TRP C 74 -4.15 -18.67 14.03
N LYS C 75 -3.28 -19.47 13.45
CA LYS C 75 -2.06 -18.98 12.76
C LYS C 75 -2.11 -19.39 11.32
N PHE C 76 -1.87 -18.43 10.43
CA PHE C 76 -1.54 -18.70 9.03
C PHE C 76 -0.04 -18.63 8.90
N PHE C 77 0.56 -19.73 8.56
CA PHE C 77 2.00 -19.82 8.24
C PHE C 77 2.16 -19.51 6.76
N GLU C 78 2.97 -18.54 6.43
CA GLU C 78 3.31 -18.20 5.05
C GLU C 78 4.60 -18.89 4.71
N MET C 79 4.55 -19.87 3.85
CA MET C 79 5.68 -20.66 3.41
C MET C 79 6.10 -20.13 2.05
N PHE C 80 7.38 -20.03 1.81
CA PHE C 80 7.89 -19.28 0.65
C PHE C 80 9.10 -19.99 0.11
N ARG C 81 9.23 -19.96 -1.19
CA ARG C 81 10.53 -20.20 -1.86
C ARG C 81 10.57 -19.42 -3.17
N SER C 82 11.78 -19.22 -3.71
CA SER C 82 12.00 -18.44 -4.95
C SER C 82 12.67 -19.30 -6.03
N ASN C 83 12.92 -20.56 -5.77
CA ASN C 83 13.49 -21.53 -6.72
C ASN C 83 12.71 -22.84 -6.61
N VAL C 84 12.45 -23.51 -7.73
CA VAL C 84 11.62 -24.74 -7.75
C VAL C 84 12.30 -25.84 -6.91
N SER C 85 13.63 -25.88 -6.88
CA SER C 85 14.38 -27.01 -6.27
C SER C 85 14.60 -26.75 -4.77
N ALA C 86 14.24 -25.57 -4.28
CA ALA C 86 14.50 -25.14 -2.89
C ALA C 86 13.41 -25.72 -1.98
N GLU C 87 13.73 -25.87 -0.69
CA GLU C 87 12.77 -26.16 0.40
C GLU C 87 11.99 -24.90 0.72
N PHE C 88 10.81 -25.04 1.25
CA PHE C 88 9.99 -23.92 1.73
C PHE C 88 10.56 -23.43 3.05
N GLN C 89 10.64 -22.12 3.20
CA GLN C 89 10.97 -21.43 4.46
C GLN C 89 9.68 -20.88 5.05
N HIS C 90 9.57 -20.90 6.35
CA HIS C 90 8.51 -20.23 7.09
C HIS C 90 8.83 -18.76 7.14
N LYS C 91 8.26 -17.98 6.25
CA LYS C 91 8.67 -16.58 6.05
C LYS C 91 7.96 -15.65 7.05
N ARG C 92 6.66 -15.80 7.22
CA ARG C 92 5.84 -14.89 8.00
C ARG C 92 4.72 -15.66 8.66
N THR C 93 4.11 -15.04 9.66
CA THR C 93 2.93 -15.61 10.34
C THR C 93 1.89 -14.52 10.48
N LEU C 94 0.63 -14.92 10.33
CA LEU C 94 -0.53 -14.08 10.67
C LEU C 94 -1.29 -14.76 11.80
N THR C 95 -1.24 -14.18 12.98
CA THR C 95 -1.87 -14.72 14.17
C THR C 95 -3.19 -13.98 14.37
N SER C 96 -4.30 -14.69 14.30
CA SER C 96 -5.61 -14.13 13.97
C SER C 96 -6.69 -14.63 14.93
N ASP C 97 -7.49 -13.71 15.45
CA ASP C 97 -8.75 -14.02 16.16
C ASP C 97 -9.91 -14.15 15.14
N THR C 98 -9.70 -13.73 13.87
CA THR C 98 -10.78 -13.56 12.84
C THR C 98 -10.81 -14.75 11.89
N LYS C 99 -9.67 -15.43 11.72
CA LYS C 99 -9.46 -16.55 10.77
C LYS C 99 -9.58 -16.04 9.34
N LEU C 100 -9.18 -14.80 9.09
CA LEU C 100 -9.17 -14.24 7.72
C LEU C 100 -7.75 -13.92 7.33
N ALA C 101 -7.42 -14.13 6.07
CA ALA C 101 -6.10 -13.84 5.53
C ALA C 101 -6.26 -13.18 4.19
N GLY C 102 -5.18 -12.61 3.66
CA GLY C 102 -5.21 -11.85 2.40
C GLY C 102 -4.10 -12.24 1.47
N PHE C 103 -4.34 -12.00 0.19
CA PHE C 103 -3.35 -12.17 -0.88
C PHE C 103 -3.65 -11.15 -1.95
N MET C 104 -2.64 -10.47 -2.45
CA MET C 104 -2.82 -9.50 -3.56
C MET C 104 -1.63 -9.52 -4.48
N LYS C 105 -1.87 -9.41 -5.79
CA LYS C 105 -0.84 -9.08 -6.79
C LYS C 105 -0.91 -7.58 -7.08
N PHE C 106 0.12 -6.85 -6.76
CA PHE C 106 0.11 -5.37 -6.90
C PHE C 106 1.53 -4.86 -7.08
N TYR C 107 1.70 -3.99 -8.07
CA TYR C 107 2.90 -3.11 -8.20
C TYR C 107 4.15 -3.99 -8.10
N ASN C 108 4.19 -5.08 -8.87
CA ASN C 108 5.39 -5.95 -9.09
C ASN C 108 5.65 -6.91 -7.92
N SER C 109 4.73 -7.03 -6.97
CA SER C 109 4.93 -7.91 -5.80
C SER C 109 3.66 -8.67 -5.47
N VAL C 110 3.82 -9.72 -4.67
CA VAL C 110 2.72 -10.43 -4.01
C VAL C 110 2.68 -9.98 -2.56
N TRP C 111 1.52 -9.59 -2.10
CA TRP C 111 1.30 -8.99 -0.77
C TRP C 111 0.49 -9.94 0.08
N THR C 112 0.79 -9.97 1.36
CA THR C 112 0.03 -10.72 2.37
C THR C 112 0.00 -9.90 3.64
N PHE C 113 -0.85 -10.29 4.56
CA PHE C 113 -0.92 -9.75 5.94
C PHE C 113 -0.10 -10.63 6.84
N HIS C 114 0.50 -10.02 7.84
CA HIS C 114 1.22 -10.73 8.89
C HIS C 114 1.19 -9.95 10.18
N GLY C 115 1.61 -10.60 11.24
CA GLY C 115 1.54 -10.03 12.58
C GLY C 115 0.37 -10.55 13.35
N GLU C 116 0.05 -9.93 14.47
CA GLU C 116 -1.01 -10.41 15.34
C GLU C 116 -2.16 -9.43 15.30
N THR C 117 -3.37 -9.90 15.03
CA THR C 117 -4.58 -9.07 15.07
C THR C 117 -4.71 -8.51 16.48
N PRO C 118 -5.15 -7.25 16.67
CA PRO C 118 -5.64 -6.37 15.60
C PRO C 118 -4.60 -5.43 14.99
N HIS C 119 -3.31 -5.79 15.03
CA HIS C 119 -2.18 -4.96 14.56
C HIS C 119 -1.53 -5.61 13.34
N ALA C 120 -2.26 -6.42 12.58
CA ALA C 120 -1.72 -7.10 11.39
C ALA C 120 -1.47 -6.05 10.29
N THR C 121 -0.38 -6.22 9.57
CA THR C 121 0.12 -5.26 8.56
C THR C 121 0.44 -6.02 7.27
N THR C 122 0.76 -5.30 6.21
CA THR C 122 1.07 -5.93 4.92
C THR C 122 2.58 -5.91 4.67
N ASP C 123 3.06 -6.89 3.95
CA ASP C 123 4.42 -6.92 3.45
C ASP C 123 4.38 -7.69 2.15
N TYR C 124 5.47 -7.71 1.46
CA TYR C 124 5.50 -8.13 0.07
C TYR C 124 6.65 -9.09 -0.15
N SER C 125 6.52 -9.86 -1.22
CA SER C 125 7.56 -10.70 -1.82
C SER C 125 7.70 -10.28 -3.27
N SER C 126 8.92 -9.98 -3.67
CA SER C 126 9.28 -9.47 -5.01
C SER C 126 9.23 -10.60 -6.03
N THR C 127 8.86 -10.27 -7.24
CA THR C 127 8.89 -11.21 -8.40
C THR C 127 9.21 -10.39 -9.65
N SER C 128 9.87 -10.98 -10.63
CA SER C 128 10.05 -10.35 -11.97
C SER C 128 8.94 -10.82 -12.93
N ASN C 129 7.98 -11.61 -12.45
CA ASN C 129 6.96 -12.29 -13.29
C ASN C 129 5.63 -12.33 -12.53
N LEU C 130 5.11 -11.18 -12.17
CA LEU C 130 3.87 -11.08 -11.35
C LEU C 130 2.66 -11.56 -12.15
N SER C 131 2.56 -11.19 -13.41
CA SER C 131 1.35 -11.44 -14.24
C SER C 131 1.04 -12.94 -14.24
N GLU C 132 2.05 -13.79 -14.21
CA GLU C 132 1.88 -15.25 -14.36
C GLU C 132 1.60 -15.89 -12.99
N VAL C 133 1.48 -15.12 -11.92
CA VAL C 133 1.20 -15.73 -10.60
C VAL C 133 -0.25 -16.22 -10.62
N GLU C 134 -0.45 -17.51 -10.40
CA GLU C 134 -1.77 -18.15 -10.37
C GLU C 134 -1.96 -18.73 -8.98
N THR C 135 -3.20 -18.77 -8.50
CA THR C 135 -3.52 -19.22 -7.12
C THR C 135 -4.51 -20.38 -7.19
N VAL C 136 -4.20 -21.44 -6.48
CA VAL C 136 -5.21 -22.44 -6.03
C VAL C 136 -5.76 -21.94 -4.70
N ILE C 137 -7.04 -21.69 -4.62
CA ILE C 137 -7.68 -21.20 -3.38
C ILE C 137 -8.60 -22.30 -2.88
N HIS C 138 -8.34 -22.83 -1.71
CA HIS C 138 -9.02 -24.02 -1.15
C HIS C 138 -10.21 -23.61 -0.27
N VAL C 139 -10.50 -22.31 -0.19
CA VAL C 139 -11.51 -21.74 0.74
C VAL C 139 -12.45 -20.79 -0.02
N GLU C 140 -13.61 -20.49 0.58
CA GLU C 140 -14.45 -19.34 0.20
C GLU C 140 -13.64 -18.05 0.33
N PHE C 141 -13.84 -17.12 -0.58
CA PHE C 141 -13.08 -15.86 -0.55
C PHE C 141 -13.93 -14.71 -1.07
N TYR C 142 -13.51 -13.51 -0.73
CA TYR C 142 -14.09 -12.25 -1.23
C TYR C 142 -13.02 -11.48 -1.95
N ILE C 143 -13.42 -10.50 -2.75
CA ILE C 143 -12.50 -9.66 -3.55
C ILE C 143 -12.70 -8.21 -3.09
N ILE C 144 -11.63 -7.54 -2.77
CA ILE C 144 -11.67 -6.11 -2.37
C ILE C 144 -10.65 -5.35 -3.17
N PRO C 145 -11.02 -4.26 -3.85
CA PRO C 145 -10.04 -3.44 -4.53
C PRO C 145 -8.90 -2.92 -3.63
N ARG C 146 -7.70 -2.79 -4.18
CA ARG C 146 -6.49 -2.21 -3.52
C ARG C 146 -6.86 -0.83 -3.00
N SER C 147 -7.65 -0.07 -3.74
CA SER C 147 -8.01 1.30 -3.35
C SER C 147 -8.83 1.30 -2.04
N GLN C 148 -9.40 0.16 -1.66
CA GLN C 148 -10.13 -0.03 -0.38
C GLN C 148 -9.32 -0.93 0.57
N GLU C 149 -8.01 -0.89 0.50
CA GLU C 149 -7.12 -1.73 1.35
C GLU C 149 -7.46 -1.51 2.83
N SER C 150 -7.83 -0.31 3.26
CA SER C 150 -8.11 -0.04 4.69
C SER C 150 -9.33 -0.86 5.17
N LYS C 151 -10.32 -1.08 4.31
CA LYS C 151 -11.48 -1.97 4.61
C LYS C 151 -10.98 -3.42 4.75
N CYS C 152 -10.14 -3.87 3.82
CA CYS C 152 -9.56 -5.23 3.89
C CYS C 152 -8.82 -5.38 5.23
N SER C 153 -8.02 -4.39 5.62
CA SER C 153 -7.25 -4.39 6.88
C SER C 153 -8.21 -4.47 8.06
N GLU C 154 -9.32 -3.77 8.01
CA GLU C 154 -10.33 -3.78 9.10
C GLU C 154 -10.96 -5.18 9.20
N TYR C 155 -11.24 -5.81 8.07
CA TYR C 155 -11.78 -7.19 8.05
C TYR C 155 -10.72 -8.12 8.65
N ILE C 156 -9.48 -8.04 8.18
CA ILE C 156 -8.38 -8.93 8.67
C ILE C 156 -8.31 -8.79 10.20
N ASN C 157 -8.35 -7.56 10.71
CA ASN C 157 -7.95 -7.27 12.09
C ASN C 157 -9.14 -7.45 13.04
N THR C 158 -10.40 -7.25 12.58
CA THR C 158 -11.59 -7.18 13.47
C THR C 158 -12.72 -8.13 13.02
N GLY C 159 -12.70 -8.63 11.78
CA GLY C 159 -13.62 -9.70 11.32
C GLY C 159 -14.64 -9.19 10.31
N LEU D 2 16.97 -2.11 35.44
CA LEU D 2 18.05 -2.82 34.71
C LEU D 2 19.20 -3.14 35.65
N ASP D 3 19.64 -4.38 35.63
CA ASP D 3 20.98 -4.80 36.09
C ASP D 3 21.88 -4.94 34.86
N GLY D 4 22.96 -4.19 34.80
CA GLY D 4 23.93 -4.25 33.73
C GLY D 4 24.53 -2.88 33.52
N PRO D 5 25.10 -2.60 32.33
CA PRO D 5 25.19 -3.59 31.27
C PRO D 5 26.26 -4.65 31.54
N TYR D 6 26.04 -5.86 31.04
CA TYR D 6 27.01 -6.95 31.06
C TYR D 6 27.62 -7.10 29.70
N GLN D 7 28.89 -7.49 29.68
CA GLN D 7 29.62 -7.76 28.43
C GLN D 7 29.22 -9.14 27.90
N PRO D 8 29.33 -9.36 26.59
CA PRO D 8 29.13 -10.67 25.99
C PRO D 8 29.80 -11.80 26.76
N THR D 9 29.11 -12.91 26.93
CA THR D 9 29.57 -14.06 27.73
C THR D 9 28.70 -15.30 27.47
N ASN D 10 29.07 -16.42 28.07
CA ASN D 10 28.28 -17.66 28.10
C ASN D 10 27.82 -17.84 29.55
N PHE D 11 26.56 -18.23 29.78
CA PHE D 11 26.07 -18.69 31.12
C PHE D 11 24.69 -19.32 30.97
N LYS D 12 24.29 -20.11 31.99
CA LYS D 12 22.90 -20.60 32.19
C LYS D 12 22.14 -19.49 32.91
N PRO D 13 21.28 -18.74 32.21
CA PRO D 13 20.54 -17.67 32.84
C PRO D 13 19.63 -18.24 33.93
N PRO D 14 19.44 -17.51 35.04
CA PRO D 14 18.50 -17.96 36.06
C PRO D 14 17.05 -17.92 35.54
N ASN D 15 16.25 -18.88 35.95
CA ASN D 15 14.81 -18.91 35.68
C ASN D 15 14.16 -17.64 36.23
N ASP D 16 13.21 -17.07 35.48
CA ASP D 16 12.29 -15.98 35.90
C ASP D 16 12.99 -14.63 35.78
N TYR D 17 14.03 -14.50 34.96
CA TYR D 17 14.63 -13.20 34.61
C TYR D 17 14.71 -13.07 33.09
N TRP D 18 14.38 -11.90 32.60
CA TRP D 18 14.60 -11.51 31.20
C TRP D 18 16.04 -11.14 31.01
N ILE D 19 16.62 -11.61 29.94
CA ILE D 19 17.87 -11.06 29.37
C ILE D 19 17.47 -10.08 28.28
N LEU D 20 17.76 -8.80 28.45
CA LEU D 20 17.50 -7.75 27.46
C LEU D 20 18.75 -7.56 26.62
N LEU D 21 18.68 -7.84 25.32
CA LEU D 21 19.83 -7.94 24.40
C LEU D 21 19.97 -6.61 23.64
N ASN D 22 21.16 -6.07 23.59
CA ASN D 22 21.40 -4.71 23.08
C ASN D 22 22.54 -4.76 22.04
N PRO D 23 22.28 -5.31 20.84
CA PRO D 23 23.29 -5.38 19.80
C PRO D 23 23.67 -4.02 19.20
N THR D 24 24.85 -3.97 18.60
CA THR D 24 25.25 -2.90 17.68
C THR D 24 25.02 -3.41 16.26
N ASN D 25 25.88 -4.29 15.76
CA ASN D 25 25.78 -4.79 14.36
C ASN D 25 26.12 -6.28 14.27
N GLN D 26 26.13 -7.00 15.41
CA GLN D 26 26.41 -8.45 15.46
C GLN D 26 25.38 -9.19 14.63
N GLN D 27 25.81 -10.19 13.86
CA GLN D 27 24.93 -11.01 12.99
C GLN D 27 24.18 -12.01 13.85
N VAL D 28 24.91 -12.66 14.75
CA VAL D 28 24.37 -13.68 15.68
C VAL D 28 24.34 -13.04 17.06
N VAL D 29 23.16 -12.85 17.61
CA VAL D 29 22.95 -12.13 18.88
C VAL D 29 23.04 -13.10 20.05
N LEU D 30 22.45 -14.27 19.91
CA LEU D 30 22.31 -15.23 21.01
C LEU D 30 22.19 -16.61 20.43
N GLU D 31 22.88 -17.57 21.04
CA GLU D 31 22.73 -19.01 20.77
C GLU D 31 22.42 -19.71 22.08
N GLY D 32 21.32 -20.41 22.17
CA GLY D 32 20.86 -21.10 23.40
C GLY D 32 20.54 -22.55 23.13
N THR D 33 21.01 -23.46 23.97
CA THR D 33 20.71 -24.91 23.81
C THR D 33 20.87 -25.66 25.12
N ASN D 34 20.12 -26.74 25.28
CA ASN D 34 20.36 -27.74 26.35
C ASN D 34 20.99 -29.00 25.76
N LYS D 35 21.31 -28.98 24.48
CA LYS D 35 21.94 -30.12 23.74
C LYS D 35 21.01 -31.33 23.71
N THR D 36 19.74 -31.19 24.03
CA THR D 36 18.78 -32.34 23.96
C THR D 36 17.62 -31.99 23.05
N ASP D 37 16.84 -30.97 23.37
CA ASP D 37 15.56 -30.77 22.67
C ASP D 37 15.31 -29.30 22.36
N ILE D 38 16.25 -28.43 22.63
CA ILE D 38 16.07 -27.04 22.13
C ILE D 38 17.41 -26.44 21.68
N TRP D 39 17.39 -25.88 20.49
CA TRP D 39 18.42 -24.97 19.95
C TRP D 39 17.71 -23.73 19.46
N VAL D 40 18.10 -22.57 19.96
CA VAL D 40 17.53 -21.26 19.54
CA VAL D 40 17.53 -21.27 19.52
C VAL D 40 18.68 -20.33 19.19
N ALA D 41 18.59 -19.65 18.08
CA ALA D 41 19.56 -18.61 17.71
C ALA D 41 18.77 -17.40 17.27
N LEU D 42 19.16 -16.24 17.72
CA LEU D 42 18.60 -14.96 17.27
C LEU D 42 19.60 -14.31 16.31
N LEU D 43 19.18 -14.09 15.07
CA LEU D 43 19.99 -13.46 14.01
C LEU D 43 19.50 -12.05 13.83
N LEU D 44 20.39 -11.12 13.56
CA LEU D 44 20.00 -9.72 13.39
C LEU D 44 20.17 -9.36 11.94
N VAL D 45 19.11 -8.86 11.34
CA VAL D 45 19.12 -8.50 9.90
C VAL D 45 18.80 -7.02 9.82
N GLU D 46 19.71 -6.28 9.22
CA GLU D 46 19.63 -4.82 9.15
C GLU D 46 18.51 -4.41 8.18
N PRO D 47 18.06 -3.13 8.23
CA PRO D 47 17.05 -2.66 7.30
C PRO D 47 17.45 -2.79 5.83
N ASN D 48 16.45 -3.00 4.98
CA ASN D 48 16.57 -2.90 3.50
C ASN D 48 17.54 -3.95 3.00
N VAL D 49 17.26 -5.22 3.32
CA VAL D 49 18.05 -6.37 2.83
C VAL D 49 17.21 -7.13 1.81
N THR D 50 17.66 -7.16 0.57
CA THR D 50 17.00 -7.95 -0.50
C THR D 50 17.17 -9.43 -0.19
N ASN D 51 16.19 -10.24 -0.58
CA ASN D 51 16.19 -11.69 -0.34
C ASN D 51 17.54 -12.27 -0.75
N GLN D 52 18.25 -12.93 0.16
CA GLN D 52 19.61 -13.44 -0.08
C GLN D 52 19.91 -14.54 0.92
N SER D 53 20.82 -15.42 0.56
CA SER D 53 21.45 -16.39 1.48
C SER D 53 22.59 -15.72 2.23
N ARG D 54 22.63 -15.86 3.55
CA ARG D 54 23.77 -15.40 4.39
C ARG D 54 24.32 -16.59 5.19
N GLN D 55 25.63 -16.55 5.43
CA GLN D 55 26.35 -17.56 6.22
C GLN D 55 26.32 -17.15 7.70
N TYR D 56 25.94 -18.07 8.57
CA TYR D 56 25.96 -17.92 10.03
C TYR D 56 26.61 -19.16 10.65
N THR D 57 27.46 -18.95 11.65
CA THR D 57 28.03 -20.02 12.48
C THR D 57 27.14 -20.18 13.71
N LEU D 58 26.39 -21.27 13.76
CA LEU D 58 25.47 -21.57 14.88
C LEU D 58 25.93 -22.86 15.53
N PHE D 59 26.26 -22.82 16.81
CA PHE D 59 26.62 -24.01 17.62
C PHE D 59 27.79 -24.73 16.91
N GLY D 60 28.69 -23.93 16.32
CA GLY D 60 29.90 -24.39 15.63
C GLY D 60 29.64 -24.85 14.19
N GLU D 61 28.38 -24.93 13.77
CA GLU D 61 27.95 -25.44 12.44
C GLU D 61 27.83 -24.25 11.46
N THR D 62 28.39 -24.37 10.25
CA THR D 62 28.25 -23.35 9.17
C THR D 62 26.90 -23.54 8.50
N LYS D 63 26.01 -22.55 8.56
CA LYS D 63 24.63 -22.63 8.02
C LYS D 63 24.42 -21.55 6.97
N GLN D 64 23.78 -21.89 5.87
CA GLN D 64 23.27 -20.91 4.88
C GLN D 64 21.80 -20.67 5.19
N ILE D 65 21.43 -19.44 5.50
CA ILE D 65 20.04 -19.09 5.87
C ILE D 65 19.58 -17.95 4.98
N THR D 66 18.39 -18.10 4.41
CA THR D 66 17.79 -17.09 3.52
C THR D 66 17.14 -16.02 4.38
N VAL D 67 17.51 -14.76 4.15
CA VAL D 67 16.99 -13.62 4.94
C VAL D 67 16.53 -12.54 4.00
N GLU D 68 15.55 -11.80 4.44
CA GLU D 68 15.02 -10.64 3.70
C GLU D 68 14.51 -9.65 4.73
N ASN D 69 14.71 -8.37 4.50
CA ASN D 69 14.10 -7.31 5.33
C ASN D 69 13.72 -6.16 4.43
N ASN D 70 12.45 -6.08 4.08
CA ASN D 70 11.94 -5.02 3.18
C ASN D 70 11.76 -3.73 3.94
N THR D 71 11.89 -3.75 5.26
CA THR D 71 11.46 -2.64 6.15
C THR D 71 12.64 -1.73 6.51
N ASN D 72 12.33 -0.60 7.14
CA ASN D 72 13.31 0.36 7.67
C ASN D 72 13.60 0.05 9.14
N LYS D 73 13.12 -1.10 9.62
CA LYS D 73 13.34 -1.58 11.00
C LYS D 73 14.36 -2.71 10.97
N TRP D 74 14.98 -2.98 12.09
CA TRP D 74 15.83 -4.16 12.26
C TRP D 74 14.94 -5.39 12.50
N LYS D 75 15.36 -6.54 12.01
CA LYS D 75 14.64 -7.81 12.22
C LYS D 75 15.54 -8.78 12.99
N PHE D 76 15.05 -9.30 14.11
CA PHE D 76 15.63 -10.46 14.77
C PHE D 76 14.89 -11.69 14.26
N PHE D 77 15.61 -12.58 13.61
CA PHE D 77 15.11 -13.89 13.15
C PHE D 77 15.36 -14.88 14.26
N GLU D 78 14.33 -15.52 14.74
CA GLU D 78 14.48 -16.59 15.74
C GLU D 78 14.50 -17.92 15.04
N MET D 79 15.62 -18.58 15.08
CA MET D 79 15.85 -19.88 14.41
C MET D 79 15.79 -20.96 15.46
N PHE D 80 15.12 -22.05 15.16
CA PHE D 80 14.79 -23.09 16.16
C PHE D 80 14.99 -24.48 15.55
N ARG D 81 15.44 -25.41 16.35
CA ARG D 81 15.26 -26.84 16.10
C ARG D 81 15.13 -27.57 17.44
N SER D 82 14.62 -28.78 17.41
CA SER D 82 14.38 -29.59 18.62
C SER D 82 15.18 -30.89 18.58
N ASN D 83 16.00 -31.07 17.54
CA ASN D 83 16.90 -32.26 17.35
C ASN D 83 18.26 -31.78 16.89
N VAL D 84 19.32 -32.36 17.43
CA VAL D 84 20.71 -31.94 17.17
C VAL D 84 21.00 -32.02 15.65
N SER D 85 20.33 -32.92 14.95
CA SER D 85 20.67 -33.35 13.58
C SER D 85 19.83 -32.57 12.56
N ALA D 86 18.73 -31.92 13.00
CA ALA D 86 17.77 -31.22 12.12
C ALA D 86 18.35 -29.89 11.61
N GLU D 87 17.76 -29.36 10.54
CA GLU D 87 18.05 -28.00 10.04
C GLU D 87 17.24 -27.02 10.89
N PHE D 88 17.66 -25.77 10.91
CA PHE D 88 16.95 -24.71 11.65
C PHE D 88 15.71 -24.28 10.87
N GLN D 89 14.64 -24.00 11.57
CA GLN D 89 13.45 -23.39 10.98
C GLN D 89 13.37 -21.95 11.45
N HIS D 90 12.88 -21.07 10.62
CA HIS D 90 12.55 -19.68 10.97
C HIS D 90 11.23 -19.66 11.70
N LYS D 91 11.28 -19.63 13.02
CA LYS D 91 10.12 -19.82 13.87
C LYS D 91 9.37 -18.49 14.06
N ARG D 92 10.09 -17.40 14.41
CA ARG D 92 9.43 -16.10 14.73
C ARG D 92 10.33 -14.98 14.31
N THR D 93 9.76 -13.78 14.26
CA THR D 93 10.51 -12.56 13.91
C THR D 93 10.16 -11.47 14.91
N LEU D 94 11.14 -10.68 15.28
CA LEU D 94 10.92 -9.43 16.02
C LEU D 94 11.38 -8.29 15.13
N THR D 95 10.45 -7.47 14.69
CA THR D 95 10.72 -6.31 13.82
C THR D 95 10.72 -5.06 14.69
N SER D 96 11.84 -4.36 14.72
CA SER D 96 12.19 -3.46 15.84
C SER D 96 12.80 -2.16 15.32
N ASP D 97 12.31 -1.03 15.80
CA ASP D 97 13.02 0.26 15.64
C ASP D 97 13.88 0.57 16.87
N THR D 98 13.85 -0.28 17.90
CA THR D 98 14.63 -0.10 19.17
C THR D 98 15.93 -0.90 19.17
N LYS D 99 15.98 -1.96 18.38
CA LYS D 99 17.13 -2.91 18.28
C LYS D 99 17.40 -3.58 19.64
N LEU D 100 16.36 -3.82 20.41
CA LEU D 100 16.43 -4.59 21.66
C LEU D 100 15.65 -5.89 21.48
N ALA D 101 16.12 -6.98 22.07
CA ALA D 101 15.41 -8.28 22.07
C ALA D 101 15.46 -8.88 23.47
N GLY D 102 14.70 -9.93 23.70
CA GLY D 102 14.62 -10.58 25.01
C GLY D 102 14.74 -12.09 24.95
N PHE D 103 15.21 -12.67 26.02
CA PHE D 103 15.26 -14.12 26.22
C PHE D 103 14.98 -14.41 27.69
N MET D 104 14.17 -15.39 27.99
CA MET D 104 13.93 -15.78 29.40
C MET D 104 13.69 -17.28 29.47
N LYS D 105 14.21 -17.91 30.52
CA LYS D 105 13.82 -19.28 30.95
C LYS D 105 12.77 -19.18 32.02
N PHE D 106 11.61 -19.78 31.82
CA PHE D 106 10.48 -19.66 32.74
C PHE D 106 9.44 -20.73 32.44
N TYR D 107 8.98 -21.44 33.46
CA TYR D 107 7.80 -22.32 33.35
C TYR D 107 8.05 -23.39 32.27
N ASN D 108 9.21 -24.07 32.35
CA ASN D 108 9.64 -25.18 31.45
C ASN D 108 9.67 -24.72 30.00
N SER D 109 9.83 -23.43 29.77
CA SER D 109 9.82 -22.84 28.42
C SER D 109 10.96 -21.84 28.26
N VAL D 110 11.31 -21.59 27.02
CA VAL D 110 12.22 -20.48 26.62
C VAL D 110 11.39 -19.43 25.92
N TRP D 111 11.46 -18.21 26.42
CA TRP D 111 10.58 -17.11 25.99
C TRP D 111 11.38 -16.09 25.20
N THR D 112 10.74 -15.50 24.21
CA THR D 112 11.27 -14.39 23.41
C THR D 112 10.16 -13.41 23.15
N PHE D 113 10.51 -12.26 22.62
CA PHE D 113 9.54 -11.30 22.10
C PHE D 113 9.46 -11.48 20.59
N HIS D 114 8.30 -11.25 20.04
CA HIS D 114 8.10 -11.31 18.60
C HIS D 114 7.05 -10.32 18.17
N GLY D 115 6.94 -10.14 16.86
CA GLY D 115 6.03 -9.19 16.24
C GLY D 115 6.70 -7.89 15.97
N GLU D 116 5.95 -6.84 15.78
CA GLU D 116 6.53 -5.57 15.30
C GLU D 116 6.31 -4.50 16.38
N THR D 117 7.38 -3.85 16.79
CA THR D 117 7.31 -2.69 17.70
C THR D 117 6.34 -1.67 17.11
N PRO D 118 5.52 -1.00 17.93
CA PRO D 118 5.54 -1.10 19.39
C PRO D 118 4.54 -2.09 20.00
N HIS D 119 4.18 -3.13 19.27
CA HIS D 119 3.18 -4.13 19.69
C HIS D 119 3.81 -5.52 19.80
N ALA D 120 5.10 -5.60 20.05
CA ALA D 120 5.79 -6.90 20.23
C ALA D 120 5.30 -7.55 21.54
N THR D 121 5.14 -8.86 21.52
CA THR D 121 4.57 -9.64 22.64
C THR D 121 5.43 -10.88 22.85
N THR D 122 5.17 -11.59 23.92
CA THR D 122 5.97 -12.75 24.30
C THR D 122 5.36 -14.03 23.71
N ASP D 123 6.22 -15.00 23.44
CA ASP D 123 5.80 -16.39 23.16
C ASP D 123 6.96 -17.29 23.51
N TYR D 124 6.75 -18.57 23.51
CA TYR D 124 7.71 -19.53 24.06
C TYR D 124 7.90 -20.74 23.16
N SER D 125 8.98 -21.46 23.41
CA SER D 125 9.23 -22.83 22.96
C SER D 125 9.32 -23.72 24.20
N SER D 126 8.75 -24.91 24.11
CA SER D 126 8.69 -25.89 25.22
C SER D 126 9.95 -26.74 25.26
N THR D 127 10.32 -27.18 26.43
CA THR D 127 11.44 -28.12 26.63
C THR D 127 11.11 -29.02 27.82
N SER D 128 11.58 -30.24 27.79
CA SER D 128 11.53 -31.15 28.98
C SER D 128 12.82 -30.99 29.81
N ASN D 129 13.69 -30.05 29.47
CA ASN D 129 15.04 -29.95 30.07
C ASN D 129 15.46 -28.48 30.15
N LEU D 130 14.62 -27.65 30.76
CA LEU D 130 14.88 -26.19 30.85
C LEU D 130 16.17 -25.92 31.63
N SER D 131 16.43 -26.64 32.72
CA SER D 131 17.54 -26.32 33.66
C SER D 131 18.90 -26.37 32.93
N GLU D 132 19.01 -27.13 31.85
CA GLU D 132 20.29 -27.33 31.16
C GLU D 132 20.44 -26.33 29.99
N VAL D 133 19.46 -25.43 29.77
CA VAL D 133 19.58 -24.44 28.67
C VAL D 133 20.64 -23.40 29.04
N GLU D 134 21.70 -23.31 28.25
CA GLU D 134 22.76 -22.31 28.42
C GLU D 134 22.82 -21.43 27.16
N THR D 135 23.20 -20.18 27.33
CA THR D 135 23.18 -19.17 26.28
C THR D 135 24.60 -18.65 26.08
N VAL D 136 25.04 -18.56 24.83
CA VAL D 136 26.16 -17.70 24.40
C VAL D 136 25.58 -16.37 23.94
N ILE D 137 25.89 -15.29 24.63
CA ILE D 137 25.30 -13.96 24.35
C ILE D 137 26.40 -13.11 23.72
N HIS D 138 26.21 -12.71 22.47
CA HIS D 138 27.28 -12.06 21.67
C HIS D 138 27.21 -10.55 21.81
N VAL D 139 26.29 -10.06 22.60
CA VAL D 139 25.99 -8.61 22.69
C VAL D 139 26.02 -8.19 24.16
N GLU D 140 26.10 -6.88 24.39
CA GLU D 140 25.83 -6.24 25.69
C GLU D 140 24.41 -6.59 26.10
N PHE D 141 24.18 -6.87 27.37
CA PHE D 141 22.85 -7.26 27.85
C PHE D 141 22.60 -6.78 29.26
N TYR D 142 21.34 -6.77 29.62
CA TYR D 142 20.84 -6.45 30.95
C TYR D 142 19.99 -7.58 31.46
N ILE D 143 19.77 -7.61 32.75
CA ILE D 143 18.90 -8.58 33.42
C ILE D 143 17.77 -7.82 34.07
N ILE D 144 16.55 -8.27 33.84
CA ILE D 144 15.31 -7.68 34.41
C ILE D 144 14.51 -8.81 34.99
N PRO D 145 14.12 -8.78 36.27
CA PRO D 145 13.25 -9.82 36.79
C PRO D 145 11.90 -9.87 36.09
N ARG D 146 11.29 -11.04 36.02
CA ARG D 146 9.99 -11.25 35.36
C ARG D 146 8.91 -10.39 36.03
N SER D 147 9.03 -10.11 37.33
CA SER D 147 8.08 -9.20 38.04
C SER D 147 8.05 -7.82 37.36
N GLN D 148 9.10 -7.45 36.62
CA GLN D 148 9.21 -6.15 35.93
C GLN D 148 9.06 -6.34 34.43
N GLU D 149 8.40 -7.39 34.00
CA GLU D 149 8.21 -7.68 32.55
C GLU D 149 7.51 -6.49 31.86
N SER D 150 6.60 -5.80 32.53
CA SER D 150 5.91 -4.64 31.89
C SER D 150 6.96 -3.60 31.48
N LYS D 151 8.02 -3.40 32.30
CA LYS D 151 9.15 -2.50 31.95
C LYS D 151 9.93 -3.09 30.77
N CYS D 152 10.21 -4.39 30.81
CA CYS D 152 10.96 -5.09 29.75
C CYS D 152 10.24 -4.87 28.43
N SER D 153 8.91 -5.05 28.42
CA SER D 153 8.08 -4.91 27.19
C SER D 153 8.13 -3.44 26.72
N GLU D 154 8.11 -2.50 27.64
CA GLU D 154 8.23 -1.05 27.34
C GLU D 154 9.56 -0.77 26.65
N TYR D 155 10.66 -1.32 27.15
CA TYR D 155 11.99 -1.07 26.56
C TYR D 155 12.05 -1.73 25.17
N ILE D 156 11.64 -3.01 25.06
CA ILE D 156 11.56 -3.72 23.76
C ILE D 156 10.81 -2.84 22.77
N ASN D 157 9.68 -2.26 23.17
CA ASN D 157 8.71 -1.67 22.22
C ASN D 157 9.00 -0.19 21.96
N THR D 158 9.59 0.53 22.91
CA THR D 158 9.72 2.01 22.81
C THR D 158 11.15 2.47 23.09
N GLY D 159 12.01 1.63 23.69
CA GLY D 159 13.45 1.90 23.85
C GLY D 159 13.78 2.53 25.19
C2 BGC E . -24.70 28.64 -10.89
C3 BGC E . -25.25 27.30 -10.35
C4 BGC E . -25.31 26.27 -11.46
C5 BGC E . -23.96 26.24 -12.15
C6 BGC E . -23.87 25.33 -13.36
C1 BGC E . -23.42 28.36 -11.67
O1 BGC E . -22.93 29.55 -12.29
O2 BGC E . -24.43 29.52 -9.80
O3 BGC E . -26.58 27.50 -9.80
O4 BGC E . -25.57 25.04 -10.83
O5 BGC E . -23.72 27.49 -12.73
O6 BGC E . -25.03 25.43 -14.18
C1 GAL E . -26.60 24.24 -11.45
C2 GAL E . -26.85 23.06 -10.59
C3 GAL E . -27.70 22.12 -11.43
C4 GAL E . -28.98 22.80 -11.89
C5 GAL E . -28.67 24.17 -12.52
C6 GAL E . -30.01 24.84 -12.89
O2 GAL E . -25.58 22.48 -10.21
O3 GAL E . -28.09 20.98 -10.68
O4 GAL E . -29.87 22.96 -10.78
O5 GAL E . -27.85 24.94 -11.62
O6 GAL E . -30.36 25.89 -11.97
C1 NAG E . -27.24 19.91 -10.98
C2 NAG E . -27.47 18.82 -9.98
C3 NAG E . -26.59 17.65 -10.32
C4 NAG E . -26.64 17.40 -11.82
C5 NAG E . -26.53 18.67 -12.58
C6 NAG E . -26.66 18.39 -14.06
C7 NAG E . -28.10 19.57 -7.76
C8 NAG E . -27.60 20.11 -6.41
N2 NAG E . -27.13 19.34 -8.64
O3 NAG E . -27.14 16.51 -9.68
O4 NAG E . -25.55 16.61 -12.21
O5 NAG E . -27.60 19.47 -12.24
O6 NAG E . -27.88 17.72 -14.29
O7 NAG E . -29.29 19.39 -7.98
C1 GAL E . -26.35 16.09 -8.60
C2 GAL E . -27.22 15.34 -7.59
C3 GAL E . -26.34 14.69 -6.53
C4 GAL E . -25.24 13.88 -7.21
C5 GAL E . -24.53 14.81 -8.20
C6 GAL E . -23.35 14.13 -8.87
O2 GAL E . -28.13 16.27 -6.97
O3 GAL E . -27.15 13.84 -5.68
O4 GAL E . -25.78 12.71 -7.86
O5 GAL E . -25.45 15.21 -9.21
O6 GAL E . -23.74 13.15 -9.83
C1 PGE F . 11.78 18.52 12.44
O1 PGE F . 12.79 17.71 11.88
C2 PGE F . 10.40 17.97 12.22
O2 PGE F . 10.22 16.80 13.01
C3 PGE F . 8.86 16.38 13.09
C4 PGE F . 8.77 15.19 13.97
O4 PGE F . 10.51 11.64 12.26
C6 PGE F . 10.59 12.01 13.62
C5 PGE F . 9.48 12.94 14.02
O3 PGE F . 9.77 14.26 13.59
C1 GOL G . -7.90 3.50 1.87
O1 GOL G . -8.53 2.22 1.77
C2 GOL G . -6.41 3.40 1.60
O2 GOL G . -5.80 2.61 2.63
C3 GOL G . -6.07 2.78 0.27
O3 GOL G . -6.60 3.56 -0.81
C1 GOL H . 5.77 -13.91 13.60
O1 GOL H . 6.89 -13.84 14.50
C2 GOL H . 5.52 -12.60 12.86
O2 GOL H . 5.85 -11.48 13.68
C3 GOL H . 6.27 -12.48 11.53
O3 GOL H . 5.39 -12.57 10.42
#